data_7SLS
#
_entry.id   7SLS
#
_cell.length_a   117.728
_cell.length_b   154.253
_cell.length_c   155.441
_cell.angle_alpha   90.000
_cell.angle_beta   90.000
_cell.angle_gamma   90.000
#
_symmetry.space_group_name_H-M   'C 2 2 21'
#
loop_
_entity.id
_entity.type
_entity.pdbx_description
1 polymer 'Reverse transcriptase/ribonuclease H'
2 non-polymer 5-(difluoromethyl)-3-{[1-{[(3S)-5-fluoro-2-methyl-6-oxo-3,6-dihydropyridin-3-yl]methyl}-6-oxo-4-(1,1,2,2-tetrafluoroethyl)-1,6-dihydropyrimidin-5-yl]oxy}-2-methylbenzonitrile
3 water water
#
_entity_poly.entity_id   1
_entity_poly.type   'polypeptide(L)'
_entity_poly.pdbx_seq_one_letter_code
;MPISPIETVPVKLKPGMDGPKVKQWPLTEEKIKALVEICTEMEKEGKISKIGPENPYNTPVFAIKKKDSTKWRKLVDFRE
LNKRTQDFWEVQLGIPHPAGLKKKKSVTVLDVGDAYFSVPLDEDFRKYTAFTIPSINNETPGIRYQYNVLPQGWKGSPAI
FQSSMTKILEPFRKQNPDIVIYQYMDDLYVGSDLEIGQHRTKIEELRQHLLRWGLTTPDKKHQKEPPFLWMGYELHPDKW
TVQPIVLPEKDSWTVNDIQKLVGKLNWASQIYPGIKVRQLCKLLRGTKALTEVIPLTEEAELELAENREILKEPVHGVYY
DPSKDLIAEIQKQGQGQWTYQIYQEPFKNLKTGKYARMRGAHTNDVKQLTEAVQKITTESIVIWGKTPKFKLPIQKETWE
TWWTEYWQATWIPEWEFVNTPPLVKLWYQLEKEPIVGAETFYVDGAANRETKLGKAGYVTNRGRQKVVTLTDTTNQKTEL
QAIYLALQDSGLEVNIVTDSQYALGIIQAQPDQSESELVNQIIEQLIKKEKVYLAWVPAHKGIGGNEQVDKLVSAGIRKV
L
;
_entity_poly.pdbx_strand_id   A,B
#
loop_
_chem_comp.id
_chem_comp.type
_chem_comp.name
_chem_comp.formula
9PJ non-polymer 5-(difluoromethyl)-3-{[1-{[(3S)-5-fluoro-2-methyl-6-oxo-3,6-dihydropyridin-3-yl]methyl}-6-oxo-4-(1,1,2,2-tetrafluoroethyl)-1,6-dihydropyrimidin-5-yl]oxy}-2-methylbenzonitrile 'C22 H15 F7 N4 O3'
#
# COMPACT_ATOMS: atom_id res chain seq x y z
N MET A 1 -41.05 5.95 12.86
CA MET A 1 -41.94 7.07 13.22
C MET A 1 -41.17 8.29 13.77
N PRO A 2 -40.27 8.18 14.78
CA PRO A 2 -39.57 9.38 15.24
C PRO A 2 -38.47 9.83 14.31
N ILE A 3 -38.20 11.12 14.30
CA ILE A 3 -37.13 11.69 13.52
C ILE A 3 -36.19 12.24 14.57
N SER A 4 -34.93 11.78 14.56
CA SER A 4 -33.91 12.19 15.50
C SER A 4 -33.74 13.71 15.68
N PRO A 5 -33.62 14.15 16.95
CA PRO A 5 -33.37 15.58 17.19
C PRO A 5 -31.87 15.94 17.06
N ILE A 6 -31.04 14.99 16.56
CA ILE A 6 -29.62 15.20 16.36
C ILE A 6 -29.37 16.33 15.38
N GLU A 7 -28.25 17.05 15.58
CA GLU A 7 -27.82 18.14 14.72
C GLU A 7 -27.59 17.60 13.31
N THR A 8 -28.03 18.35 12.30
CA THR A 8 -27.88 17.90 10.92
C THR A 8 -26.45 18.07 10.42
N VAL A 9 -26.12 17.30 9.40
CA VAL A 9 -24.81 17.37 8.78
C VAL A 9 -24.96 18.37 7.65
N PRO A 10 -24.17 19.45 7.63
CA PRO A 10 -24.26 20.41 6.52
C PRO A 10 -23.82 19.77 5.19
N VAL A 11 -24.71 19.81 4.19
CA VAL A 11 -24.48 19.21 2.88
C VAL A 11 -24.37 20.30 1.83
N LYS A 12 -23.53 20.09 0.83
CA LYS A 12 -23.34 21.04 -0.25
C LYS A 12 -23.45 20.35 -1.61
N LEU A 13 -23.56 21.17 -2.66
CA LEU A 13 -23.54 20.68 -4.03
C LEU A 13 -22.08 20.81 -4.50
N LYS A 14 -21.73 20.19 -5.63
CA LYS A 14 -20.38 20.28 -6.18
C LYS A 14 -20.12 21.73 -6.63
N PRO A 15 -18.89 22.25 -6.47
CA PRO A 15 -18.63 23.65 -6.85
C PRO A 15 -19.04 23.98 -8.28
N GLY A 16 -19.74 25.10 -8.46
CA GLY A 16 -20.21 25.52 -9.78
C GLY A 16 -21.43 24.79 -10.29
N MET A 17 -22.13 24.06 -9.41
CA MET A 17 -23.32 23.31 -9.82
C MET A 17 -24.56 23.73 -9.08
N ASP A 18 -25.65 23.85 -9.82
CA ASP A 18 -26.94 24.17 -9.21
C ASP A 18 -27.69 22.82 -9.00
N GLY A 19 -28.83 22.86 -8.30
CA GLY A 19 -29.63 21.68 -8.05
C GLY A 19 -30.27 21.12 -9.30
N PRO A 20 -30.87 19.92 -9.23
CA PRO A 20 -31.48 19.33 -10.43
C PRO A 20 -32.78 20.02 -10.82
N LYS A 21 -33.08 20.06 -12.12
CA LYS A 21 -34.30 20.64 -12.68
C LYS A 21 -34.78 19.68 -13.76
N VAL A 22 -35.08 18.44 -13.37
CA VAL A 22 -35.50 17.36 -14.26
C VAL A 22 -37.02 17.33 -14.39
N LYS A 23 -37.55 17.42 -15.63
CA LYS A 23 -38.99 17.45 -15.84
C LYS A 23 -39.70 16.17 -15.45
N GLN A 24 -40.84 16.32 -14.78
CA GLN A 24 -41.64 15.18 -14.39
C GLN A 24 -42.44 14.74 -15.62
N TRP A 25 -42.37 13.45 -15.96
CA TRP A 25 -43.10 12.88 -17.08
C TRP A 25 -44.53 12.54 -16.66
N PRO A 26 -45.54 12.84 -17.51
CA PRO A 26 -46.94 12.52 -17.18
C PRO A 26 -47.17 11.07 -16.76
N LEU A 27 -47.89 10.85 -15.67
CA LEU A 27 -48.14 9.49 -15.19
C LEU A 27 -49.58 9.06 -15.37
N THR A 28 -49.84 7.75 -15.32
CA THR A 28 -51.21 7.24 -15.42
C THR A 28 -52.00 7.67 -14.16
N GLU A 29 -53.34 7.59 -14.21
CA GLU A 29 -54.17 7.98 -13.07
C GLU A 29 -53.88 7.10 -11.85
N GLU A 30 -53.79 5.80 -12.08
CA GLU A 30 -53.50 4.78 -11.09
C GLU A 30 -52.20 5.11 -10.32
N LYS A 31 -51.16 5.55 -11.03
CA LYS A 31 -49.89 5.90 -10.39
C LYS A 31 -50.00 7.17 -9.59
N ILE A 32 -50.68 8.20 -10.13
CA ILE A 32 -50.86 9.48 -9.44
C ILE A 32 -51.62 9.27 -8.12
N LYS A 33 -52.64 8.41 -8.14
CA LYS A 33 -53.47 8.10 -6.98
C LYS A 33 -52.61 7.43 -5.90
N ALA A 34 -51.81 6.41 -6.27
CA ALA A 34 -50.93 5.73 -5.31
C ALA A 34 -49.92 6.69 -4.69
N LEU A 35 -49.28 7.54 -5.50
CA LEU A 35 -48.31 8.49 -4.99
C LEU A 35 -48.95 9.48 -4.03
N VAL A 36 -50.14 10.03 -4.36
CA VAL A 36 -50.84 10.99 -3.49
C VAL A 36 -51.09 10.38 -2.09
N GLU A 37 -51.51 9.11 -2.04
CA GLU A 37 -51.76 8.36 -0.81
C GLU A 37 -50.46 8.14 0.00
N ILE A 38 -49.37 7.73 -0.69
CA ILE A 38 -48.09 7.51 -0.03
C ILE A 38 -47.57 8.83 0.53
N CYS A 39 -47.59 9.89 -0.27
CA CYS A 39 -47.06 11.19 0.12
C CYS A 39 -47.84 11.88 1.21
N THR A 40 -49.15 11.63 1.30
CA THR A 40 -50.02 12.18 2.35
C THR A 40 -49.61 11.54 3.69
N GLU A 41 -49.41 10.21 3.69
CA GLU A 41 -49.01 9.45 4.86
C GLU A 41 -47.59 9.88 5.36
N MET A 42 -46.60 10.03 4.43
CA MET A 42 -45.23 10.47 4.73
C MET A 42 -45.23 11.91 5.24
N GLU A 43 -46.10 12.76 4.66
CA GLU A 43 -46.20 14.16 5.07
C GLU A 43 -46.76 14.25 6.50
N LYS A 44 -47.71 13.37 6.84
CA LYS A 44 -48.30 13.29 8.18
C LYS A 44 -47.26 12.83 9.19
N GLU A 45 -46.36 11.90 8.78
CA GLU A 45 -45.29 11.37 9.61
C GLU A 45 -44.05 12.29 9.75
N GLY A 46 -44.05 13.43 9.05
CA GLY A 46 -42.97 14.42 9.07
C GLY A 46 -41.86 14.19 8.05
N LYS A 47 -41.88 13.06 7.35
CA LYS A 47 -40.85 12.66 6.37
C LYS A 47 -40.67 13.61 5.18
N ILE A 48 -41.79 14.17 4.67
CA ILE A 48 -41.77 15.13 3.56
C ILE A 48 -42.71 16.32 3.88
N SER A 49 -42.52 17.47 3.20
CA SER A 49 -43.35 18.64 3.42
C SER A 49 -43.71 19.30 2.11
N LYS A 50 -44.95 19.82 2.01
CA LYS A 50 -45.40 20.51 0.81
C LYS A 50 -44.61 21.80 0.63
N ILE A 51 -44.26 22.14 -0.61
CA ILE A 51 -43.51 23.37 -0.87
C ILE A 51 -44.28 24.31 -1.78
N GLY A 52 -43.95 25.59 -1.73
CA GLY A 52 -44.55 26.59 -2.58
C GLY A 52 -44.03 26.49 -4.00
N PRO A 53 -44.45 27.43 -4.88
CA PRO A 53 -43.97 27.37 -6.27
C PRO A 53 -42.64 28.08 -6.52
N GLU A 54 -42.08 28.73 -5.47
CA GLU A 54 -40.81 29.46 -5.51
C GLU A 54 -39.62 28.54 -5.83
N ASN A 55 -39.65 27.27 -5.35
CA ASN A 55 -38.61 26.25 -5.54
C ASN A 55 -38.53 25.82 -7.00
N PRO A 56 -37.38 26.08 -7.65
CA PRO A 56 -37.24 25.75 -9.08
C PRO A 56 -36.70 24.35 -9.39
N TYR A 57 -36.39 23.57 -8.36
CA TYR A 57 -35.81 22.25 -8.53
C TYR A 57 -36.83 21.14 -8.73
N ASN A 58 -36.41 20.07 -9.38
CA ASN A 58 -37.26 18.93 -9.60
C ASN A 58 -36.48 17.65 -9.90
N THR A 59 -36.96 16.54 -9.35
CA THR A 59 -36.45 15.19 -9.50
C THR A 59 -37.65 14.33 -9.84
N PRO A 60 -37.53 13.47 -10.86
CA PRO A 60 -38.64 12.58 -11.24
C PRO A 60 -39.09 11.58 -10.16
N VAL A 61 -40.39 11.28 -10.18
CA VAL A 61 -41.01 10.31 -9.28
C VAL A 61 -41.73 9.24 -10.11
N PHE A 62 -41.80 8.03 -9.56
CA PHE A 62 -42.45 6.91 -10.22
CA PHE A 62 -42.42 6.88 -10.22
C PHE A 62 -43.20 6.06 -9.17
N ALA A 63 -44.11 5.21 -9.61
CA ALA A 63 -44.87 4.34 -8.72
C ALA A 63 -44.83 2.95 -9.33
N ILE A 64 -44.45 1.95 -8.53
CA ILE A 64 -44.39 0.57 -8.97
C ILE A 64 -45.21 -0.32 -8.01
N LYS A 65 -46.08 -1.17 -8.59
CA LYS A 65 -46.89 -2.13 -7.84
C LYS A 65 -46.67 -3.46 -8.53
N LYS A 66 -46.06 -4.44 -7.84
CA LYS A 66 -45.80 -5.78 -8.39
C LYS A 66 -47.11 -6.51 -8.77
N LYS A 67 -47.03 -7.51 -9.67
CA LYS A 67 -48.21 -8.28 -10.10
C LYS A 67 -48.86 -9.07 -8.95
N ASP A 68 -48.03 -9.70 -8.10
CA ASP A 68 -48.49 -10.50 -6.95
C ASP A 68 -49.07 -9.64 -5.82
N SER A 69 -48.59 -8.39 -5.70
CA SER A 69 -48.99 -7.51 -4.61
C SER A 69 -50.01 -6.43 -4.98
N THR A 70 -50.73 -5.96 -3.95
CA THR A 70 -51.68 -4.84 -4.01
C THR A 70 -51.01 -3.57 -3.37
N LYS A 71 -49.69 -3.66 -3.01
CA LYS A 71 -48.86 -2.64 -2.39
C LYS A 71 -48.15 -1.79 -3.46
N TRP A 72 -48.29 -0.48 -3.33
CA TRP A 72 -47.67 0.48 -4.23
C TRP A 72 -46.41 1.03 -3.58
N ARG A 73 -45.34 1.18 -4.36
CA ARG A 73 -44.10 1.73 -3.85
C ARG A 73 -43.72 3.00 -4.61
N LYS A 74 -43.21 3.97 -3.87
CA LYS A 74 -42.79 5.23 -4.46
C LYS A 74 -41.31 5.12 -4.77
N LEU A 75 -40.95 5.45 -5.99
CA LEU A 75 -39.56 5.41 -6.41
C LEU A 75 -39.11 6.77 -6.91
N VAL A 76 -38.12 7.36 -6.26
CA VAL A 76 -37.59 8.65 -6.68
C VAL A 76 -36.26 8.42 -7.42
N ASP A 77 -36.08 9.04 -8.58
CA ASP A 77 -34.86 8.89 -9.37
C ASP A 77 -33.88 9.99 -9.00
N PHE A 78 -33.03 9.76 -7.99
CA PHE A 78 -32.08 10.78 -7.57
C PHE A 78 -30.80 10.82 -8.38
N ARG A 79 -30.76 10.23 -9.58
CA ARG A 79 -29.55 10.23 -10.43
C ARG A 79 -28.94 11.61 -10.67
N GLU A 80 -29.76 12.64 -10.96
CA GLU A 80 -29.24 13.99 -11.21
C GLU A 80 -28.75 14.67 -9.98
N LEU A 81 -29.51 14.59 -8.90
CA LEU A 81 -29.14 15.17 -7.62
C LEU A 81 -27.85 14.49 -7.10
N ASN A 82 -27.70 13.16 -7.26
CA ASN A 82 -26.50 12.41 -6.83
C ASN A 82 -25.24 12.87 -7.57
N LYS A 83 -25.40 13.19 -8.84
CA LYS A 83 -24.35 13.68 -9.72
C LYS A 83 -23.90 15.10 -9.28
N ARG A 84 -24.82 15.91 -8.72
CA ARG A 84 -24.53 17.27 -8.28
C ARG A 84 -24.19 17.38 -6.79
N THR A 85 -24.46 16.35 -6.01
CA THR A 85 -24.16 16.35 -4.58
C THR A 85 -22.67 16.16 -4.37
N GLN A 86 -22.11 16.81 -3.35
CA GLN A 86 -20.71 16.71 -2.99
C GLN A 86 -20.32 15.24 -2.71
N ASP A 87 -19.01 14.97 -2.69
CA ASP A 87 -18.55 13.64 -2.34
C ASP A 87 -18.59 13.53 -0.83
N PHE A 88 -18.74 12.31 -0.36
CA PHE A 88 -18.74 12.03 1.06
C PHE A 88 -17.59 11.07 1.34
N TRP A 89 -17.18 10.99 2.60
CA TRP A 89 -16.14 10.05 2.97
C TRP A 89 -16.69 8.61 2.91
N GLU A 90 -15.81 7.61 2.71
CA GLU A 90 -16.22 6.22 2.63
C GLU A 90 -16.90 5.77 3.90
N VAL A 91 -17.93 4.94 3.76
CA VAL A 91 -18.68 4.44 4.89
C VAL A 91 -17.76 3.58 5.77
N GLN A 92 -17.24 2.44 5.27
CA GLN A 92 -16.35 1.55 6.05
CA GLN A 92 -16.33 1.62 6.06
C GLN A 92 -15.04 1.25 5.30
N LEU A 93 -13.97 0.97 6.03
CA LEU A 93 -12.67 0.59 5.46
C LEU A 93 -12.70 -0.90 4.97
N GLY A 94 -13.50 -1.71 5.66
CA GLY A 94 -13.69 -3.12 5.39
C GLY A 94 -14.94 -3.65 6.06
N ILE A 95 -15.10 -4.97 6.03
CA ILE A 95 -16.22 -5.66 6.62
C ILE A 95 -15.72 -6.54 7.75
N PRO A 96 -16.44 -6.60 8.88
CA PRO A 96 -16.02 -7.48 9.97
C PRO A 96 -15.93 -8.93 9.52
N HIS A 97 -14.92 -9.66 10.02
CA HIS A 97 -14.77 -11.07 9.72
C HIS A 97 -15.15 -11.84 10.95
N PRO A 98 -15.95 -12.91 10.85
CA PRO A 98 -16.32 -13.68 12.05
C PRO A 98 -15.15 -14.17 12.90
N ALA A 99 -13.97 -14.51 12.28
CA ALA A 99 -12.78 -14.98 13.02
C ALA A 99 -12.22 -13.92 13.99
N GLY A 100 -12.55 -12.64 13.76
CA GLY A 100 -12.13 -11.52 14.60
C GLY A 100 -13.05 -11.24 15.78
N LEU A 101 -14.20 -11.96 15.87
CA LEU A 101 -15.15 -11.82 16.97
C LEU A 101 -14.64 -12.60 18.18
N LYS A 102 -14.87 -12.06 19.38
CA LYS A 102 -14.44 -12.66 20.64
C LYS A 102 -15.54 -13.52 21.28
N LYS A 103 -15.20 -14.28 22.31
CA LYS A 103 -16.17 -15.14 22.98
C LYS A 103 -16.91 -14.39 24.13
N LYS A 104 -17.89 -13.56 23.76
CA LYS A 104 -18.70 -12.78 24.70
C LYS A 104 -19.76 -13.66 25.35
N LYS A 105 -20.05 -13.44 26.66
CA LYS A 105 -21.08 -14.23 27.36
C LYS A 105 -22.43 -14.05 26.67
N SER A 106 -22.77 -12.80 26.38
CA SER A 106 -24.05 -12.52 25.71
C SER A 106 -23.88 -11.59 24.54
N VAL A 107 -24.63 -11.85 23.47
CA VAL A 107 -24.62 -11.10 22.22
C VAL A 107 -26.08 -10.81 21.76
N THR A 108 -26.37 -9.54 21.46
CA THR A 108 -27.70 -9.09 21.04
C THR A 108 -27.70 -8.35 19.67
N VAL A 109 -28.64 -8.64 18.78
CA VAL A 109 -28.80 -7.93 17.52
C VAL A 109 -29.91 -6.83 17.67
N LEU A 110 -29.55 -5.53 17.48
CA LEU A 110 -30.51 -4.43 17.52
C LEU A 110 -30.52 -3.77 16.13
N ASP A 111 -31.53 -4.08 15.31
CA ASP A 111 -31.66 -3.47 14.00
C ASP A 111 -32.53 -2.21 14.13
N VAL A 112 -32.04 -1.07 13.65
CA VAL A 112 -32.78 0.17 13.71
C VAL A 112 -33.91 0.18 12.70
N GLY A 113 -35.13 0.52 13.16
CA GLY A 113 -36.30 0.58 12.28
C GLY A 113 -36.33 1.86 11.48
N ASP A 114 -36.68 1.81 10.17
CA ASP A 114 -36.74 2.98 9.28
C ASP A 114 -35.58 3.96 9.47
N ALA A 115 -34.36 3.41 9.39
CA ALA A 115 -33.12 4.13 9.62
C ALA A 115 -32.98 5.49 8.92
N TYR A 116 -33.10 5.56 7.57
CA TYR A 116 -32.91 6.83 6.88
C TYR A 116 -34.00 7.86 7.24
N PHE A 117 -35.24 7.38 7.33
CA PHE A 117 -36.36 8.25 7.64
C PHE A 117 -36.36 8.74 9.14
N SER A 118 -35.47 8.21 9.97
CA SER A 118 -35.33 8.63 11.36
C SER A 118 -34.19 9.63 11.53
N VAL A 119 -33.61 10.17 10.46
CA VAL A 119 -32.50 11.12 10.57
C VAL A 119 -32.85 12.36 9.76
N PRO A 120 -32.79 13.56 10.36
CA PRO A 120 -33.13 14.77 9.61
C PRO A 120 -32.13 15.09 8.51
N LEU A 121 -32.56 15.85 7.52
CA LEU A 121 -31.71 16.29 6.43
C LEU A 121 -31.41 17.77 6.63
N ASP A 122 -30.17 18.23 6.36
CA ASP A 122 -29.75 19.64 6.46
C ASP A 122 -30.80 20.58 5.82
N GLU A 123 -31.35 21.51 6.62
CA GLU A 123 -32.38 22.46 6.16
C GLU A 123 -32.04 23.17 4.86
N ASP A 124 -30.80 23.65 4.70
CA ASP A 124 -30.37 24.36 3.48
C ASP A 124 -30.24 23.44 2.24
N PHE A 125 -30.29 22.13 2.43
CA PHE A 125 -30.17 21.18 1.34
C PHE A 125 -31.53 20.60 0.93
N ARG A 126 -32.53 20.60 1.84
CA ARG A 126 -33.88 20.05 1.56
C ARG A 126 -34.51 20.50 0.23
N LYS A 127 -34.23 21.74 -0.19
CA LYS A 127 -34.80 22.30 -1.41
C LYS A 127 -34.38 21.55 -2.67
N TYR A 128 -33.18 20.94 -2.66
CA TYR A 128 -32.71 20.17 -3.79
C TYR A 128 -33.42 18.83 -3.96
N THR A 129 -34.18 18.36 -2.95
CA THR A 129 -34.89 17.07 -3.02
C THR A 129 -36.33 17.19 -3.50
N ALA A 130 -36.70 18.33 -4.07
CA ALA A 130 -38.03 18.62 -4.58
C ALA A 130 -38.48 17.63 -5.65
N PHE A 131 -39.71 17.18 -5.51
CA PHE A 131 -40.31 16.28 -6.49
C PHE A 131 -41.78 16.68 -6.67
N THR A 132 -42.34 16.33 -7.84
CA THR A 132 -43.69 16.73 -8.17
C THR A 132 -44.58 15.55 -8.52
N ILE A 133 -45.77 15.45 -7.92
CA ILE A 133 -46.76 14.42 -8.28
C ILE A 133 -47.56 15.15 -9.35
N PRO A 134 -47.50 14.68 -10.60
CA PRO A 134 -48.19 15.41 -11.66
C PRO A 134 -49.70 15.29 -11.57
N SER A 135 -50.42 16.31 -12.03
CA SER A 135 -51.89 16.25 -12.06
C SER A 135 -52.35 15.34 -13.24
N ILE A 136 -53.64 15.01 -13.32
CA ILE A 136 -54.13 14.16 -14.42
C ILE A 136 -53.91 14.85 -15.79
N ASN A 137 -53.09 14.20 -16.64
CA ASN A 137 -52.68 14.64 -17.98
C ASN A 137 -51.90 15.96 -17.95
N ASN A 138 -51.16 16.21 -16.86
CA ASN A 138 -50.37 17.42 -16.63
C ASN A 138 -51.13 18.72 -16.93
N GLU A 139 -52.46 18.68 -16.80
CA GLU A 139 -53.32 19.83 -17.06
C GLU A 139 -53.08 21.00 -16.09
N THR A 140 -53.09 20.73 -14.79
CA THR A 140 -52.91 21.74 -13.76
C THR A 140 -51.59 21.56 -12.98
N PRO A 141 -51.16 22.57 -12.19
CA PRO A 141 -49.92 22.41 -11.42
C PRO A 141 -49.92 21.15 -10.53
N GLY A 142 -48.77 20.50 -10.44
CA GLY A 142 -48.65 19.29 -9.64
C GLY A 142 -48.54 19.57 -8.15
N ILE A 143 -48.53 18.51 -7.35
CA ILE A 143 -48.38 18.62 -5.91
C ILE A 143 -46.87 18.53 -5.64
N ARG A 144 -46.29 19.55 -5.01
CA ARG A 144 -44.85 19.58 -4.78
C ARG A 144 -44.42 19.29 -3.35
N TYR A 145 -43.39 18.44 -3.23
CA TYR A 145 -42.84 18.05 -1.94
C TYR A 145 -41.32 18.13 -1.91
N GLN A 146 -40.77 18.17 -0.71
CA GLN A 146 -39.35 18.11 -0.48
C GLN A 146 -39.19 17.24 0.77
N TYR A 147 -38.06 16.54 0.85
CA TYR A 147 -37.73 15.67 1.97
C TYR A 147 -37.22 16.44 3.18
N ASN A 148 -37.56 15.94 4.36
CA ASN A 148 -37.05 16.50 5.63
C ASN A 148 -36.09 15.50 6.31
N VAL A 149 -36.00 14.27 5.78
CA VAL A 149 -35.20 13.17 6.28
C VAL A 149 -34.28 12.64 5.14
N LEU A 150 -33.41 11.67 5.44
CA LEU A 150 -32.48 11.12 4.44
C LEU A 150 -33.29 10.30 3.47
N PRO A 151 -33.30 10.68 2.19
CA PRO A 151 -34.08 9.92 1.22
C PRO A 151 -33.37 8.63 0.80
N GLN A 152 -34.15 7.65 0.44
CA GLN A 152 -33.68 6.37 -0.03
C GLN A 152 -33.10 6.58 -1.45
N GLY A 153 -31.87 6.13 -1.68
CA GLY A 153 -31.25 6.26 -2.98
C GLY A 153 -30.45 7.54 -3.18
N TRP A 154 -30.43 8.44 -2.18
CA TRP A 154 -29.63 9.65 -2.27
C TRP A 154 -28.21 9.32 -1.74
N LYS A 155 -27.20 9.81 -2.44
CA LYS A 155 -25.76 9.65 -2.25
C LYS A 155 -25.23 9.81 -0.82
N GLY A 156 -25.73 10.80 -0.07
CA GLY A 156 -25.26 11.03 1.28
C GLY A 156 -25.90 10.26 2.41
N SER A 157 -27.00 9.57 2.17
CA SER A 157 -27.73 8.84 3.21
C SER A 157 -26.89 7.81 3.99
N PRO A 158 -26.20 6.83 3.35
CA PRO A 158 -25.42 5.86 4.16
C PRO A 158 -24.38 6.51 5.06
N ALA A 159 -23.62 7.52 4.57
CA ALA A 159 -22.59 8.21 5.36
C ALA A 159 -23.22 9.07 6.47
N ILE A 160 -24.29 9.86 6.15
CA ILE A 160 -24.93 10.71 7.15
C ILE A 160 -25.63 9.86 8.21
N PHE A 161 -26.28 8.72 7.85
CA PHE A 161 -26.89 7.86 8.86
C PHE A 161 -25.81 7.32 9.82
N GLN A 162 -24.70 6.76 9.26
CA GLN A 162 -23.62 6.21 10.03
C GLN A 162 -23.01 7.25 10.96
N SER A 163 -22.73 8.45 10.48
CA SER A 163 -22.15 9.47 11.36
C SER A 163 -23.11 9.90 12.48
N SER A 164 -24.43 9.86 12.20
CA SER A 164 -25.44 10.18 13.21
C SER A 164 -25.44 9.12 14.27
N MET A 165 -25.33 7.84 13.89
CA MET A 165 -25.30 6.75 14.88
C MET A 165 -24.03 6.83 15.71
N THR A 166 -22.89 7.17 15.08
CA THR A 166 -21.62 7.31 15.77
C THR A 166 -21.73 8.42 16.83
N LYS A 167 -22.25 9.61 16.45
CA LYS A 167 -22.40 10.74 17.37
C LYS A 167 -23.27 10.43 18.57
N ILE A 168 -24.35 9.67 18.35
CA ILE A 168 -25.32 9.24 19.34
C ILE A 168 -24.72 8.20 20.30
N LEU A 169 -23.96 7.22 19.77
CA LEU A 169 -23.32 6.20 20.61
C LEU A 169 -22.14 6.71 21.42
N GLU A 170 -21.49 7.81 20.98
CA GLU A 170 -20.31 8.39 21.65
C GLU A 170 -20.43 8.47 23.18
N PRO A 171 -21.47 9.11 23.79
CA PRO A 171 -21.52 9.15 25.25
C PRO A 171 -21.77 7.78 25.87
N PHE A 172 -22.56 6.92 25.22
CA PHE A 172 -22.82 5.58 25.75
C PHE A 172 -21.53 4.72 25.74
N ARG A 173 -20.65 4.95 24.76
CA ARG A 173 -19.39 4.22 24.64
C ARG A 173 -18.45 4.70 25.77
N LYS A 174 -18.40 6.01 26.03
CA LYS A 174 -17.55 6.55 27.09
C LYS A 174 -17.94 6.01 28.47
N GLN A 175 -19.24 5.91 28.75
CA GLN A 175 -19.72 5.44 30.04
C GLN A 175 -19.94 3.92 30.15
N ASN A 176 -19.56 3.16 29.12
CA ASN A 176 -19.67 1.68 29.11
C ASN A 176 -18.51 1.16 28.24
N PRO A 177 -17.24 1.42 28.62
CA PRO A 177 -16.12 0.99 27.77
C PRO A 177 -15.96 -0.51 27.60
N ASP A 178 -16.57 -1.30 28.50
CA ASP A 178 -16.48 -2.77 28.44
C ASP A 178 -17.63 -3.46 27.69
N ILE A 179 -18.46 -2.68 26.99
CA ILE A 179 -19.54 -3.24 26.20
C ILE A 179 -19.15 -3.07 24.75
N VAL A 180 -19.25 -4.17 24.00
CA VAL A 180 -18.88 -4.20 22.59
C VAL A 180 -20.03 -3.84 21.71
N ILE A 181 -19.85 -2.84 20.84
CA ILE A 181 -20.90 -2.46 19.91
C ILE A 181 -20.32 -2.36 18.48
N TYR A 182 -20.67 -3.30 17.62
CA TYR A 182 -20.28 -3.27 16.23
C TYR A 182 -21.36 -2.49 15.47
N GLN A 183 -20.94 -1.57 14.62
CA GLN A 183 -21.84 -0.79 13.79
C GLN A 183 -21.75 -1.36 12.36
N TYR A 184 -22.87 -1.76 11.79
CA TYR A 184 -22.90 -2.31 10.44
C TYR A 184 -24.22 -1.93 9.79
N MET A 185 -24.18 -1.00 8.82
CA MET A 185 -25.36 -0.52 8.10
C MET A 185 -26.42 0.01 9.14
N ASP A 186 -27.64 -0.58 9.20
CA ASP A 186 -28.70 -0.18 10.16
C ASP A 186 -28.65 -0.98 11.46
N ASP A 187 -27.67 -1.88 11.62
CA ASP A 187 -27.56 -2.76 12.76
C ASP A 187 -26.53 -2.36 13.76
N LEU A 188 -26.73 -2.83 14.99
CA LEU A 188 -25.84 -2.70 16.13
C LEU A 188 -25.75 -4.13 16.66
N TYR A 189 -24.53 -4.62 16.87
CA TYR A 189 -24.34 -5.97 17.40
C TYR A 189 -23.69 -5.69 18.71
N VAL A 190 -24.41 -5.97 19.79
CA VAL A 190 -23.98 -5.63 21.15
C VAL A 190 -23.61 -6.86 21.99
N GLY A 191 -22.44 -6.82 22.62
CA GLY A 191 -21.99 -7.94 23.41
C GLY A 191 -21.33 -7.55 24.71
N SER A 192 -21.43 -8.43 25.71
CA SER A 192 -20.82 -8.17 27.01
C SER A 192 -20.48 -9.48 27.75
N ASP A 193 -19.66 -9.34 28.81
CA ASP A 193 -19.32 -10.48 29.64
C ASP A 193 -20.09 -10.46 31.01
N LEU A 194 -21.18 -9.66 31.11
CA LEU A 194 -22.01 -9.57 32.32
C LEU A 194 -22.91 -10.79 32.44
N GLU A 195 -23.48 -11.05 33.64
CA GLU A 195 -24.41 -12.17 33.81
C GLU A 195 -25.70 -11.87 33.02
N ILE A 196 -26.38 -12.91 32.54
CA ILE A 196 -27.57 -12.81 31.68
C ILE A 196 -28.56 -11.66 32.07
N GLY A 197 -28.83 -11.49 33.36
CA GLY A 197 -29.72 -10.46 33.87
C GLY A 197 -29.24 -9.03 33.70
N GLN A 198 -28.01 -8.73 34.13
CA GLN A 198 -27.47 -7.38 34.00
C GLN A 198 -27.14 -7.00 32.53
N HIS A 199 -27.07 -8.00 31.62
CA HIS A 199 -26.82 -7.76 30.20
C HIS A 199 -28.10 -7.16 29.61
N ARG A 200 -29.27 -7.76 29.93
CA ARG A 200 -30.59 -7.26 29.50
C ARG A 200 -30.85 -5.83 30.02
N THR A 201 -30.34 -5.52 31.20
CA THR A 201 -30.43 -4.20 31.84
C THR A 201 -29.63 -3.16 31.04
N LYS A 202 -28.49 -3.58 30.49
CA LYS A 202 -27.67 -2.71 29.66
C LYS A 202 -28.32 -2.56 28.27
N ILE A 203 -28.92 -3.65 27.75
CA ILE A 203 -29.60 -3.63 26.45
C ILE A 203 -30.81 -2.69 26.49
N GLU A 204 -31.61 -2.76 27.54
CA GLU A 204 -32.75 -1.86 27.68
C GLU A 204 -32.31 -0.42 27.81
N GLU A 205 -31.24 -0.17 28.56
CA GLU A 205 -30.65 1.15 28.74
C GLU A 205 -30.12 1.71 27.39
N LEU A 206 -29.57 0.81 26.53
CA LEU A 206 -29.07 1.19 25.20
C LEU A 206 -30.26 1.51 24.30
N ARG A 207 -31.26 0.65 24.27
CA ARG A 207 -32.48 0.88 23.50
C ARG A 207 -33.15 2.21 23.88
N GLN A 208 -33.12 2.54 25.18
CA GLN A 208 -33.72 3.74 25.75
C GLN A 208 -32.90 4.97 25.38
N HIS A 209 -31.56 4.86 25.40
CA HIS A 209 -30.69 5.97 25.00
C HIS A 209 -30.89 6.27 23.52
N LEU A 210 -30.99 5.20 22.69
CA LEU A 210 -31.21 5.32 21.25
C LEU A 210 -32.56 5.99 21.01
N LEU A 211 -33.63 5.54 21.70
CA LEU A 211 -34.97 6.10 21.61
C LEU A 211 -35.03 7.60 21.90
N ARG A 212 -34.27 8.07 22.87
CA ARG A 212 -34.17 9.49 23.21
C ARG A 212 -33.69 10.34 22.00
N TRP A 213 -33.01 9.70 21.05
CA TRP A 213 -32.46 10.29 19.85
C TRP A 213 -33.21 9.88 18.57
N GLY A 214 -34.45 9.46 18.69
CA GLY A 214 -35.29 9.09 17.55
C GLY A 214 -35.10 7.74 16.88
N LEU A 215 -34.26 6.84 17.45
CA LEU A 215 -34.04 5.53 16.82
C LEU A 215 -34.73 4.36 17.54
N THR A 216 -35.66 3.68 16.84
CA THR A 216 -36.39 2.55 17.41
C THR A 216 -35.71 1.22 17.13
N THR A 217 -35.67 0.35 18.13
CA THR A 217 -35.02 -0.97 18.05
C THR A 217 -35.99 -2.04 18.51
N PRO A 218 -35.77 -3.32 18.12
CA PRO A 218 -36.70 -4.37 18.57
C PRO A 218 -36.62 -4.64 20.06
N ASP A 219 -37.77 -4.95 20.68
CA ASP A 219 -37.81 -5.26 22.12
C ASP A 219 -37.34 -6.71 22.35
N LYS A 220 -37.14 -7.11 23.61
CA LYS A 220 -36.70 -8.45 23.98
C LYS A 220 -37.36 -9.62 23.21
N LYS A 221 -38.68 -9.55 23.00
CA LYS A 221 -39.40 -10.62 22.30
C LYS A 221 -39.14 -10.62 20.78
N HIS A 222 -38.87 -9.44 20.22
CA HIS A 222 -38.63 -9.32 18.79
C HIS A 222 -37.16 -9.38 18.38
N GLN A 223 -36.20 -9.44 19.32
CA GLN A 223 -34.79 -9.53 18.93
C GLN A 223 -34.41 -10.97 18.52
N LYS A 224 -33.57 -11.10 17.48
CA LYS A 224 -33.16 -12.41 16.99
C LYS A 224 -32.36 -13.21 18.01
N GLU A 225 -32.41 -14.54 17.86
CA GLU A 225 -31.70 -15.52 18.70
C GLU A 225 -30.67 -16.25 17.80
N PRO A 226 -29.56 -16.74 18.37
CA PRO A 226 -28.58 -17.49 17.55
C PRO A 226 -29.19 -18.81 17.05
N PRO A 227 -28.74 -19.35 15.90
CA PRO A 227 -27.66 -18.83 15.04
C PRO A 227 -28.04 -17.65 14.14
N PHE A 228 -27.15 -16.67 14.08
CA PHE A 228 -27.36 -15.49 13.25
C PHE A 228 -26.88 -15.75 11.82
N LEU A 229 -27.71 -15.49 10.81
CA LEU A 229 -27.33 -15.69 9.42
C LEU A 229 -26.97 -14.31 8.90
N TRP A 230 -25.68 -13.99 8.90
CA TRP A 230 -25.22 -12.67 8.53
C TRP A 230 -24.24 -12.67 7.36
N MET A 231 -24.58 -12.01 6.26
CA MET A 231 -23.65 -11.84 5.14
C MET A 231 -22.91 -13.11 4.62
N GLY A 232 -23.62 -14.20 4.43
CA GLY A 232 -23.03 -15.45 3.92
C GLY A 232 -22.39 -16.31 4.98
N TYR A 233 -22.48 -15.90 6.24
CA TYR A 233 -21.92 -16.62 7.38
C TYR A 233 -23.03 -17.09 8.35
N GLU A 234 -22.70 -18.07 9.21
CA GLU A 234 -23.57 -18.57 10.27
C GLU A 234 -22.82 -18.35 11.54
N LEU A 235 -23.34 -17.53 12.44
CA LEU A 235 -22.68 -17.26 13.71
C LEU A 235 -23.40 -18.01 14.81
N HIS A 236 -22.71 -18.96 15.46
CA HIS A 236 -23.24 -19.77 16.56
C HIS A 236 -22.58 -19.29 17.90
N PRO A 237 -23.09 -19.72 19.07
CA PRO A 237 -22.49 -19.24 20.34
C PRO A 237 -20.99 -19.48 20.53
N ASP A 238 -20.43 -20.60 20.03
CA ASP A 238 -18.98 -20.81 20.20
C ASP A 238 -18.25 -21.20 18.89
N LYS A 239 -18.91 -21.09 17.76
CA LYS A 239 -18.28 -21.37 16.47
C LYS A 239 -18.95 -20.58 15.36
N TRP A 240 -18.30 -20.49 14.19
CA TRP A 240 -18.85 -19.81 13.05
C TRP A 240 -18.56 -20.65 11.81
N THR A 241 -19.38 -20.53 10.76
CA THR A 241 -19.12 -21.22 9.49
C THR A 241 -19.69 -20.34 8.34
N VAL A 242 -19.56 -20.81 7.11
CA VAL A 242 -20.14 -20.16 5.95
C VAL A 242 -21.53 -20.82 5.76
N GLN A 243 -22.52 -20.10 5.21
CA GLN A 243 -23.85 -20.67 5.00
C GLN A 243 -23.79 -21.88 4.04
N PRO A 244 -24.81 -22.77 4.04
CA PRO A 244 -24.73 -23.99 3.21
C PRO A 244 -24.30 -23.79 1.77
N ILE A 245 -23.34 -24.61 1.34
CA ILE A 245 -22.81 -24.58 -0.01
C ILE A 245 -23.30 -25.80 -0.77
N VAL A 246 -23.96 -25.58 -1.90
CA VAL A 246 -24.42 -26.67 -2.74
C VAL A 246 -23.62 -26.66 -4.03
N LEU A 247 -22.78 -27.68 -4.28
CA LEU A 247 -22.01 -27.76 -5.52
C LEU A 247 -22.85 -28.57 -6.50
N PRO A 248 -23.36 -27.90 -7.55
CA PRO A 248 -24.24 -28.60 -8.50
C PRO A 248 -23.60 -29.73 -9.28
N GLU A 249 -24.44 -30.68 -9.72
CA GLU A 249 -24.01 -31.81 -10.51
C GLU A 249 -24.64 -31.57 -11.88
N LYS A 250 -23.84 -31.16 -12.88
CA LYS A 250 -24.38 -30.87 -14.20
C LYS A 250 -23.76 -31.72 -15.26
N ASP A 251 -24.52 -32.04 -16.31
CA ASP A 251 -24.01 -32.78 -17.44
C ASP A 251 -23.12 -31.81 -18.26
N SER A 252 -23.57 -30.55 -18.44
CA SER A 252 -22.85 -29.55 -19.21
C SER A 252 -22.66 -28.27 -18.40
N TRP A 253 -21.41 -27.87 -18.23
CA TRP A 253 -21.10 -26.67 -17.48
C TRP A 253 -20.94 -25.48 -18.41
N THR A 254 -21.67 -24.40 -18.14
CA THR A 254 -21.50 -23.17 -18.93
C THR A 254 -20.51 -22.24 -18.19
N VAL A 255 -20.02 -21.20 -18.85
CA VAL A 255 -19.14 -20.18 -18.28
C VAL A 255 -19.78 -19.60 -16.99
N ASN A 256 -21.09 -19.29 -17.04
CA ASN A 256 -21.87 -18.77 -15.91
C ASN A 256 -21.93 -19.77 -14.74
N ASP A 257 -22.13 -21.07 -15.01
CA ASP A 257 -22.18 -22.11 -13.97
C ASP A 257 -20.81 -22.22 -13.28
N ILE A 258 -19.73 -22.17 -14.09
CA ILE A 258 -18.36 -22.28 -13.62
C ILE A 258 -17.97 -21.07 -12.79
N GLN A 259 -18.39 -19.85 -13.22
CA GLN A 259 -18.10 -18.63 -12.46
C GLN A 259 -18.78 -18.68 -11.12
N LYS A 260 -20.04 -19.16 -11.07
CA LYS A 260 -20.78 -19.27 -9.81
C LYS A 260 -20.13 -20.29 -8.88
N LEU A 261 -19.66 -21.42 -9.43
CA LEU A 261 -18.96 -22.48 -8.71
C LEU A 261 -17.63 -21.95 -8.10
N VAL A 262 -16.84 -21.23 -8.88
CA VAL A 262 -15.59 -20.63 -8.38
C VAL A 262 -15.86 -19.64 -7.23
N GLY A 263 -16.92 -18.84 -7.34
CA GLY A 263 -17.30 -17.91 -6.27
C GLY A 263 -17.64 -18.64 -5.00
N LYS A 264 -18.41 -19.72 -5.11
CA LYS A 264 -18.80 -20.53 -3.96
C LYS A 264 -17.60 -21.22 -3.32
N LEU A 265 -16.66 -21.74 -4.12
CA LEU A 265 -15.46 -22.40 -3.60
C LEU A 265 -14.57 -21.38 -2.90
N ASN A 266 -14.43 -20.17 -3.48
CA ASN A 266 -13.63 -19.10 -2.88
C ASN A 266 -14.22 -18.68 -1.56
N TRP A 267 -15.56 -18.62 -1.47
CA TRP A 267 -16.24 -18.26 -0.22
C TRP A 267 -16.01 -19.34 0.86
N ALA A 268 -16.10 -20.61 0.48
CA ALA A 268 -15.86 -21.75 1.39
C ALA A 268 -14.39 -21.85 1.83
N SER A 269 -13.45 -21.36 1.00
CA SER A 269 -12.03 -21.42 1.32
C SER A 269 -11.61 -20.65 2.59
N GLN A 270 -12.48 -19.80 3.17
CA GLN A 270 -12.12 -19.06 4.39
C GLN A 270 -12.26 -19.89 5.67
N ILE A 271 -12.78 -21.15 5.57
CA ILE A 271 -12.92 -22.03 6.71
C ILE A 271 -12.72 -23.52 6.32
N TYR A 272 -12.95 -23.88 5.06
CA TYR A 272 -12.73 -25.26 4.59
C TYR A 272 -11.30 -25.33 4.07
N PRO A 273 -10.43 -26.08 4.77
CA PRO A 273 -9.04 -26.15 4.33
C PRO A 273 -8.77 -26.94 3.06
N GLY A 274 -7.82 -26.47 2.26
CA GLY A 274 -7.41 -27.19 1.07
C GLY A 274 -8.21 -27.00 -0.19
N ILE A 275 -9.23 -26.10 -0.20
CA ILE A 275 -10.04 -25.81 -1.40
C ILE A 275 -9.11 -25.36 -2.55
N LYS A 276 -9.34 -25.84 -3.78
CA LYS A 276 -8.54 -25.45 -4.93
C LYS A 276 -9.45 -24.95 -6.08
N VAL A 277 -9.02 -23.91 -6.81
CA VAL A 277 -9.80 -23.36 -7.93
C VAL A 277 -8.96 -23.15 -9.21
N ARG A 278 -7.65 -23.46 -9.20
CA ARG A 278 -6.76 -23.25 -10.35
C ARG A 278 -7.26 -23.82 -11.67
N GLN A 279 -7.55 -25.11 -11.71
CA GLN A 279 -8.02 -25.80 -12.90
C GLN A 279 -9.37 -25.32 -13.37
N LEU A 280 -10.29 -25.02 -12.45
CA LEU A 280 -11.60 -24.50 -12.81
C LEU A 280 -11.46 -23.08 -13.37
N CYS A 281 -10.56 -22.25 -12.77
CA CYS A 281 -10.29 -20.88 -13.22
C CYS A 281 -9.66 -20.91 -14.59
N LYS A 282 -8.78 -21.89 -14.89
CA LYS A 282 -8.13 -22.03 -16.20
C LYS A 282 -9.19 -22.20 -17.29
N LEU A 283 -10.31 -22.90 -16.99
CA LEU A 283 -11.39 -23.08 -17.96
C LEU A 283 -12.04 -21.75 -18.35
N LEU A 284 -12.08 -20.79 -17.42
CA LEU A 284 -12.66 -19.47 -17.65
C LEU A 284 -11.76 -18.53 -18.49
N ARG A 285 -10.57 -19.01 -18.92
CA ARG A 285 -9.67 -18.20 -19.71
C ARG A 285 -10.14 -18.27 -21.15
N GLY A 286 -10.51 -17.13 -21.69
CA GLY A 286 -11.00 -17.07 -23.06
C GLY A 286 -12.11 -16.07 -23.24
N THR A 287 -12.54 -15.90 -24.50
CA THR A 287 -13.60 -14.94 -24.82
C THR A 287 -15.01 -15.57 -24.84
N LYS A 288 -15.15 -16.77 -24.26
CA LYS A 288 -16.35 -17.59 -24.17
C LYS A 288 -17.56 -16.87 -23.51
N ALA A 289 -18.72 -16.91 -24.21
CA ALA A 289 -20.01 -16.32 -23.79
C ALA A 289 -20.58 -17.01 -22.54
N LEU A 290 -21.33 -16.28 -21.68
CA LEU A 290 -21.92 -16.79 -20.43
C LEU A 290 -22.60 -18.17 -20.51
N THR A 291 -23.39 -18.43 -21.57
CA THR A 291 -24.09 -19.70 -21.75
C THR A 291 -23.31 -20.73 -22.59
N GLU A 292 -22.08 -20.40 -23.00
CA GLU A 292 -21.25 -21.31 -23.77
C GLU A 292 -20.81 -22.46 -22.87
N VAL A 293 -21.02 -23.67 -23.34
CA VAL A 293 -20.64 -24.87 -22.61
C VAL A 293 -19.12 -25.12 -22.72
N ILE A 294 -18.49 -25.28 -21.57
CA ILE A 294 -17.06 -25.55 -21.48
C ILE A 294 -16.91 -26.97 -20.95
N PRO A 295 -16.37 -27.87 -21.78
CA PRO A 295 -16.13 -29.24 -21.30
C PRO A 295 -15.09 -29.24 -20.18
N LEU A 296 -15.30 -30.07 -19.16
CA LEU A 296 -14.37 -30.13 -18.07
C LEU A 296 -13.15 -30.95 -18.46
N THR A 297 -11.95 -30.39 -18.26
CA THR A 297 -10.72 -31.12 -18.53
C THR A 297 -10.53 -32.18 -17.42
N GLU A 298 -9.64 -33.17 -17.62
CA GLU A 298 -9.40 -34.19 -16.59
C GLU A 298 -8.91 -33.54 -15.28
N GLU A 299 -8.06 -32.53 -15.40
CA GLU A 299 -7.52 -31.79 -14.27
C GLU A 299 -8.62 -31.03 -13.50
N ALA A 300 -9.58 -30.40 -14.22
CA ALA A 300 -10.69 -29.68 -13.57
C ALA A 300 -11.63 -30.71 -12.91
N GLU A 301 -11.83 -31.89 -13.54
CA GLU A 301 -12.67 -32.94 -12.96
C GLU A 301 -12.05 -33.45 -11.65
N LEU A 302 -10.72 -33.62 -11.62
CA LEU A 302 -10.00 -34.10 -10.44
C LEU A 302 -10.08 -33.05 -9.32
N GLU A 303 -9.88 -31.77 -9.67
CA GLU A 303 -9.97 -30.65 -8.73
C GLU A 303 -11.38 -30.51 -8.15
N LEU A 304 -12.42 -30.63 -8.99
CA LEU A 304 -13.80 -30.57 -8.53
C LEU A 304 -14.10 -31.70 -7.60
N ALA A 305 -13.67 -32.93 -7.95
CA ALA A 305 -13.90 -34.10 -7.09
C ALA A 305 -13.19 -33.95 -5.74
N GLU A 306 -11.99 -33.33 -5.71
CA GLU A 306 -11.29 -33.13 -4.43
C GLU A 306 -12.02 -32.08 -3.56
N ASN A 307 -12.59 -31.05 -4.19
CA ASN A 307 -13.35 -30.03 -3.47
C ASN A 307 -14.62 -30.63 -2.89
N ARG A 308 -15.29 -31.51 -3.65
CA ARG A 308 -16.54 -32.15 -3.16
C ARG A 308 -16.27 -32.96 -1.88
N GLU A 309 -15.13 -33.69 -1.81
CA GLU A 309 -14.73 -34.48 -0.65
C GLU A 309 -14.44 -33.57 0.56
N ILE A 310 -13.79 -32.42 0.32
CA ILE A 310 -13.51 -31.47 1.39
C ILE A 310 -14.82 -30.91 1.99
N LEU A 311 -15.82 -30.63 1.15
CA LEU A 311 -17.09 -30.08 1.61
C LEU A 311 -18.17 -31.10 2.00
N LYS A 312 -17.93 -32.42 1.89
CA LYS A 312 -18.97 -33.41 2.21
C LYS A 312 -19.47 -33.29 3.65
N GLU A 313 -18.58 -32.94 4.59
CA GLU A 313 -18.97 -32.77 5.99
C GLU A 313 -18.70 -31.36 6.50
N PRO A 314 -19.62 -30.81 7.33
CA PRO A 314 -19.41 -29.45 7.85
C PRO A 314 -18.14 -29.20 8.64
N VAL A 315 -17.58 -27.96 8.46
CA VAL A 315 -16.37 -27.48 9.11
C VAL A 315 -16.68 -26.10 9.71
N HIS A 316 -16.29 -25.90 10.98
N HIS A 316 -16.26 -25.90 10.95
CA HIS A 316 -16.54 -24.62 11.65
CA HIS A 316 -16.49 -24.65 11.65
C HIS A 316 -15.24 -24.03 12.20
C HIS A 316 -15.18 -24.00 12.11
N GLY A 317 -15.25 -22.71 12.40
CA GLY A 317 -14.11 -21.99 12.93
C GLY A 317 -14.41 -21.56 14.35
N VAL A 318 -13.40 -21.21 15.14
CA VAL A 318 -13.62 -20.75 16.53
C VAL A 318 -13.43 -19.22 16.63
N TYR A 319 -13.88 -18.64 17.76
CA TYR A 319 -13.73 -17.21 17.99
C TYR A 319 -12.31 -16.88 18.47
N TYR A 320 -12.01 -15.60 18.60
CA TYR A 320 -10.71 -15.11 18.98
C TYR A 320 -10.54 -14.88 20.47
N ASP A 321 -9.40 -15.30 20.99
CA ASP A 321 -9.04 -15.11 22.38
C ASP A 321 -7.88 -14.10 22.35
N PRO A 322 -8.13 -12.87 22.79
CA PRO A 322 -7.08 -11.85 22.72
C PRO A 322 -5.86 -12.04 23.61
N SER A 323 -5.93 -13.01 24.52
CA SER A 323 -4.81 -13.26 25.44
C SER A 323 -3.84 -14.35 24.94
N LYS A 324 -4.11 -14.96 23.78
CA LYS A 324 -3.27 -15.99 23.18
C LYS A 324 -2.73 -15.52 21.84
N ASP A 325 -1.57 -16.07 21.44
CA ASP A 325 -0.98 -15.70 20.16
C ASP A 325 -1.75 -16.33 18.99
N LEU A 326 -1.53 -15.80 17.79
CA LEU A 326 -2.12 -16.35 16.59
C LEU A 326 -0.98 -17.10 15.90
N ILE A 327 -1.26 -18.29 15.38
CA ILE A 327 -0.28 -19.10 14.66
C ILE A 327 -0.80 -19.28 13.26
N ALA A 328 0.03 -19.05 12.23
CA ALA A 328 -0.40 -19.27 10.86
C ALA A 328 0.53 -20.32 10.25
N GLU A 329 -0.02 -21.33 9.58
CA GLU A 329 0.74 -22.40 8.95
C GLU A 329 0.40 -22.39 7.50
N ILE A 330 1.39 -22.62 6.65
CA ILE A 330 1.17 -22.61 5.21
C ILE A 330 1.70 -23.90 4.64
N GLN A 331 0.99 -24.44 3.65
CA GLN A 331 1.38 -25.66 2.95
C GLN A 331 1.36 -25.41 1.46
N LYS A 332 2.29 -26.03 0.76
CA LYS A 332 2.34 -25.95 -0.69
C LYS A 332 1.41 -27.06 -1.20
N GLN A 333 0.53 -26.75 -2.17
CA GLN A 333 -0.36 -27.77 -2.75
C GLN A 333 0.01 -28.18 -4.18
N GLY A 334 0.95 -27.48 -4.81
CA GLY A 334 1.38 -27.79 -6.17
C GLY A 334 0.83 -26.83 -7.19
N GLN A 335 1.51 -26.69 -8.33
CA GLN A 335 1.11 -25.80 -9.43
C GLN A 335 0.82 -24.36 -8.98
N GLY A 336 1.65 -23.81 -8.11
CA GLY A 336 1.48 -22.44 -7.63
C GLY A 336 0.33 -22.24 -6.67
N GLN A 337 -0.13 -23.29 -6.03
CA GLN A 337 -1.24 -23.24 -5.09
C GLN A 337 -0.69 -23.36 -3.68
N TRP A 338 -1.19 -22.52 -2.78
CA TRP A 338 -0.80 -22.47 -1.37
C TRP A 338 -2.03 -22.40 -0.51
N THR A 339 -2.01 -23.09 0.63
CA THR A 339 -3.14 -23.08 1.53
C THR A 339 -2.64 -22.73 2.93
N TYR A 340 -3.47 -22.06 3.73
CA TYR A 340 -3.08 -21.67 5.08
C TYR A 340 -4.20 -21.79 6.09
N GLN A 341 -3.85 -21.95 7.36
CA GLN A 341 -4.77 -22.06 8.49
C GLN A 341 -4.23 -21.18 9.59
N ILE A 342 -5.12 -20.50 10.30
CA ILE A 342 -4.76 -19.64 11.43
C ILE A 342 -5.51 -20.16 12.68
N TYR A 343 -4.78 -20.47 13.75
CA TYR A 343 -5.34 -20.97 15.00
C TYR A 343 -4.58 -20.38 16.17
N GLN A 344 -5.10 -20.57 17.37
CA GLN A 344 -4.46 -20.14 18.60
C GLN A 344 -4.09 -21.39 19.43
N GLU A 345 -4.96 -22.40 19.42
CA GLU A 345 -4.76 -23.67 20.08
C GLU A 345 -4.79 -24.69 18.95
N PRO A 346 -3.76 -25.55 18.83
CA PRO A 346 -3.75 -26.52 17.73
C PRO A 346 -4.78 -27.64 17.95
N PHE A 347 -5.60 -27.99 16.96
CA PHE A 347 -5.64 -27.37 15.63
C PHE A 347 -7.06 -26.82 15.39
N LYS A 348 -7.49 -25.90 16.27
CA LYS A 348 -8.83 -25.31 16.23
C LYS A 348 -8.71 -23.99 15.52
N ASN A 349 -8.92 -24.03 14.21
CA ASN A 349 -8.77 -22.88 13.32
C ASN A 349 -9.80 -21.78 13.52
N LEU A 350 -9.33 -20.56 13.56
CA LEU A 350 -10.17 -19.36 13.57
C LEU A 350 -10.57 -19.18 12.10
N LYS A 351 -9.63 -19.31 11.15
CA LYS A 351 -9.95 -19.22 9.72
C LYS A 351 -8.87 -19.90 8.87
N THR A 352 -9.20 -20.13 7.59
CA THR A 352 -8.30 -20.70 6.61
C THR A 352 -8.26 -19.72 5.38
N GLY A 353 -7.49 -20.08 4.37
CA GLY A 353 -7.40 -19.32 3.16
C GLY A 353 -6.42 -19.94 2.19
N LYS A 354 -6.28 -19.28 1.04
CA LYS A 354 -5.39 -19.75 0.02
C LYS A 354 -4.67 -18.59 -0.66
N TYR A 355 -3.59 -18.91 -1.38
CA TYR A 355 -2.79 -17.97 -2.12
C TYR A 355 -2.46 -18.66 -3.46
N ALA A 356 -2.47 -17.91 -4.55
CA ALA A 356 -2.15 -18.45 -5.87
C ALA A 356 -0.97 -17.67 -6.51
N ARG A 357 -0.11 -18.39 -7.25
CA ARG A 357 1.06 -17.87 -7.97
C ARG A 357 0.64 -16.78 -8.95
N MET A 358 1.44 -15.71 -9.06
CA MET A 358 1.16 -14.64 -9.99
C MET A 358 1.29 -15.16 -11.44
N ARG A 359 0.39 -14.68 -12.31
CA ARG A 359 0.34 -15.05 -13.72
C ARG A 359 1.47 -14.37 -14.51
N GLY A 360 2.02 -15.10 -15.49
CA GLY A 360 3.09 -14.65 -16.38
C GLY A 360 4.41 -14.31 -15.73
N ALA A 361 4.71 -14.95 -14.59
CA ALA A 361 5.95 -14.67 -13.89
C ALA A 361 6.94 -15.83 -13.91
N HIS A 362 8.23 -15.49 -13.90
CA HIS A 362 9.32 -16.44 -13.78
C HIS A 362 9.50 -16.38 -12.27
N THR A 363 9.23 -17.48 -11.57
CA THR A 363 9.25 -17.46 -10.11
C THR A 363 9.66 -18.77 -9.45
N ASN A 364 9.80 -18.77 -8.13
CA ASN A 364 10.11 -19.98 -7.38
C ASN A 364 9.23 -20.09 -6.12
N ASP A 365 9.32 -21.19 -5.39
CA ASP A 365 8.52 -21.41 -4.20
C ASP A 365 8.91 -20.51 -3.02
N VAL A 366 10.17 -20.08 -2.93
CA VAL A 366 10.61 -19.19 -1.86
C VAL A 366 9.92 -17.84 -2.02
N LYS A 367 9.87 -17.32 -3.25
CA LYS A 367 9.21 -16.06 -3.57
C LYS A 367 7.72 -16.16 -3.30
N GLN A 368 7.07 -17.24 -3.79
CA GLN A 368 5.64 -17.46 -3.56
C GLN A 368 5.29 -17.56 -2.07
N LEU A 369 6.12 -18.27 -1.29
CA LEU A 369 5.92 -18.43 0.14
C LEU A 369 6.02 -17.07 0.86
N THR A 370 6.97 -16.21 0.46
CA THR A 370 7.16 -14.87 1.00
C THR A 370 5.91 -14.01 0.71
N GLU A 371 5.36 -14.12 -0.51
CA GLU A 371 4.15 -13.41 -0.91
C GLU A 371 2.96 -13.86 -0.08
N ALA A 372 2.83 -15.18 0.18
CA ALA A 372 1.73 -15.70 0.98
C ALA A 372 1.86 -15.23 2.44
N VAL A 373 3.09 -15.16 2.97
CA VAL A 373 3.30 -14.66 4.34
C VAL A 373 2.84 -13.20 4.45
N GLN A 374 3.15 -12.41 3.42
CA GLN A 374 2.80 -11.02 3.36
C GLN A 374 1.28 -10.79 3.31
N LYS A 375 0.59 -11.59 2.52
CA LYS A 375 -0.85 -11.53 2.38
C LYS A 375 -1.52 -11.88 3.74
N ILE A 376 -1.00 -12.92 4.42
CA ILE A 376 -1.53 -13.35 5.70
C ILE A 376 -1.29 -12.30 6.78
N THR A 377 -0.09 -11.68 6.78
CA THR A 377 0.27 -10.65 7.74
C THR A 377 -0.72 -9.48 7.67
N THR A 378 -1.04 -9.02 6.44
CA THR A 378 -1.93 -7.90 6.20
C THR A 378 -3.34 -8.20 6.67
N GLU A 379 -3.88 -9.36 6.27
CA GLU A 379 -5.19 -9.82 6.66
C GLU A 379 -5.30 -9.94 8.20
N SER A 380 -4.25 -10.44 8.87
CA SER A 380 -4.24 -10.58 10.32
C SER A 380 -4.27 -9.25 11.07
N ILE A 381 -3.51 -8.25 10.59
CA ILE A 381 -3.50 -6.93 11.20
C ILE A 381 -4.89 -6.29 11.10
N VAL A 382 -5.59 -6.49 9.98
CA VAL A 382 -6.95 -5.98 9.81
C VAL A 382 -7.96 -6.67 10.77
N ILE A 383 -7.94 -8.00 10.82
CA ILE A 383 -8.87 -8.76 11.65
C ILE A 383 -8.58 -8.72 13.15
N TRP A 384 -7.31 -8.91 13.53
CA TRP A 384 -6.96 -9.00 14.94
C TRP A 384 -6.07 -7.89 15.48
N GLY A 385 -5.53 -7.05 14.62
CA GLY A 385 -4.63 -5.99 15.06
C GLY A 385 -3.21 -6.47 15.42
N LYS A 386 -2.84 -7.68 15.01
CA LYS A 386 -1.52 -8.21 15.31
C LYS A 386 -1.05 -9.25 14.26
N THR A 387 0.27 -9.46 14.14
CA THR A 387 0.81 -10.43 13.17
C THR A 387 0.90 -11.80 13.82
N PRO A 388 0.61 -12.87 13.08
CA PRO A 388 0.74 -14.21 13.68
C PRO A 388 2.19 -14.72 13.66
N LYS A 389 2.46 -15.77 14.43
CA LYS A 389 3.74 -16.47 14.43
C LYS A 389 3.55 -17.50 13.30
N PHE A 390 4.49 -17.60 12.37
CA PHE A 390 4.37 -18.53 11.24
C PHE A 390 5.07 -19.88 11.42
N LYS A 391 4.49 -20.93 10.86
CA LYS A 391 5.08 -22.27 10.85
C LYS A 391 5.15 -22.54 9.37
N LEU A 392 6.37 -22.56 8.80
CA LEU A 392 6.59 -22.68 7.37
C LEU A 392 7.34 -23.94 6.93
N PRO A 393 7.03 -24.49 5.75
CA PRO A 393 7.72 -25.71 5.30
C PRO A 393 9.02 -25.38 4.57
N ILE A 394 9.89 -24.59 5.19
CA ILE A 394 11.17 -24.20 4.59
C ILE A 394 12.22 -24.21 5.70
N GLN A 395 13.40 -24.76 5.44
CA GLN A 395 14.46 -24.82 6.43
C GLN A 395 15.04 -23.43 6.63
N LYS A 396 15.47 -23.14 7.85
CA LYS A 396 16.11 -21.86 8.15
C LYS A 396 17.35 -21.62 7.27
N GLU A 397 18.09 -22.70 6.95
CA GLU A 397 19.28 -22.62 6.09
C GLU A 397 18.89 -22.30 4.63
N THR A 398 17.79 -22.86 4.12
CA THR A 398 17.34 -22.55 2.77
C THR A 398 16.94 -21.06 2.69
N TRP A 399 16.21 -20.55 3.71
CA TRP A 399 15.77 -19.17 3.71
C TRP A 399 16.99 -18.24 3.84
N GLU A 400 17.94 -18.59 4.69
CA GLU A 400 19.15 -17.81 4.90
C GLU A 400 19.98 -17.72 3.60
N THR A 401 20.10 -18.83 2.88
CA THR A 401 20.86 -18.86 1.62
C THR A 401 20.15 -17.94 0.59
N TRP A 402 18.81 -17.99 0.55
CA TRP A 402 18.05 -17.17 -0.35
C TRP A 402 18.15 -15.67 -0.03
N TRP A 403 17.72 -15.24 1.18
CA TRP A 403 17.69 -13.82 1.48
C TRP A 403 19.09 -13.13 1.43
N THR A 404 20.16 -13.81 1.86
CA THR A 404 21.49 -13.21 1.81
C THR A 404 22.07 -13.10 0.37
N GLU A 405 21.56 -13.90 -0.59
CA GLU A 405 22.05 -13.84 -1.98
C GLU A 405 21.12 -13.09 -2.96
N TYR A 406 19.86 -12.83 -2.57
CA TYR A 406 18.88 -12.18 -3.45
C TYR A 406 19.11 -10.67 -3.55
N TRP A 407 19.00 -10.05 -4.75
CA TRP A 407 19.23 -8.61 -4.94
C TRP A 407 18.17 -7.74 -4.23
N GLN A 408 17.00 -8.29 -3.96
CA GLN A 408 15.91 -7.55 -3.35
C GLN A 408 15.87 -7.71 -1.85
N ALA A 409 15.51 -6.63 -1.13
CA ALA A 409 15.31 -6.66 0.32
C ALA A 409 14.09 -7.56 0.55
N THR A 410 14.24 -8.54 1.41
CA THR A 410 13.19 -9.50 1.69
C THR A 410 13.26 -9.88 3.15
N TRP A 411 12.10 -10.16 3.74
CA TRP A 411 12.04 -10.48 5.15
C TRP A 411 10.75 -11.19 5.53
N ILE A 412 10.83 -12.12 6.49
CA ILE A 412 9.68 -12.84 7.00
C ILE A 412 9.73 -12.59 8.51
N PRO A 413 8.59 -12.15 9.09
CA PRO A 413 8.58 -11.95 10.55
C PRO A 413 8.69 -13.29 11.30
N GLU A 414 8.90 -13.25 12.63
CA GLU A 414 9.05 -14.46 13.48
C GLU A 414 8.43 -15.78 12.94
N TRP A 415 9.28 -16.77 12.63
CA TRP A 415 8.78 -18.03 12.10
C TRP A 415 9.58 -19.25 12.53
N GLU A 416 8.99 -20.42 12.41
CA GLU A 416 9.62 -21.68 12.74
C GLU A 416 9.43 -22.65 11.59
N PHE A 417 10.42 -23.53 11.36
CA PHE A 417 10.30 -24.56 10.32
C PHE A 417 9.37 -25.65 10.85
N VAL A 418 8.56 -26.22 9.98
CA VAL A 418 7.68 -27.31 10.33
C VAL A 418 7.84 -28.32 9.20
N ASN A 419 8.15 -29.57 9.54
CA ASN A 419 8.39 -30.57 8.51
C ASN A 419 7.10 -31.11 7.93
N THR A 420 6.51 -30.37 6.99
CA THR A 420 5.27 -30.76 6.34
C THR A 420 5.57 -30.76 4.86
N PRO A 421 5.89 -31.92 4.28
CA PRO A 421 6.20 -31.97 2.84
C PRO A 421 4.98 -31.69 1.95
N PRO A 422 5.18 -31.18 0.72
CA PRO A 422 6.46 -30.87 0.09
C PRO A 422 7.13 -29.65 0.69
N LEU A 423 8.43 -29.75 1.01
CA LEU A 423 9.17 -28.63 1.57
C LEU A 423 9.58 -27.65 0.46
N VAL A 424 9.82 -26.42 0.83
CA VAL A 424 10.20 -25.36 -0.09
C VAL A 424 11.71 -25.32 -0.21
N LYS A 425 12.21 -25.38 -1.45
CA LYS A 425 13.65 -25.38 -1.73
C LYS A 425 13.99 -24.75 -3.08
N LEU A 426 15.28 -24.40 -3.29
CA LEU A 426 15.82 -23.87 -4.54
C LEU A 426 16.42 -25.11 -5.27
N TRP A 427 16.07 -25.31 -6.55
CA TRP A 427 16.44 -26.51 -7.29
C TRP A 427 17.78 -26.51 -8.01
N TYR A 428 18.51 -25.39 -7.94
CA TYR A 428 19.83 -25.23 -8.53
C TYR A 428 20.42 -23.92 -8.07
N GLN A 429 21.74 -23.82 -8.11
CA GLN A 429 22.43 -22.58 -7.76
C GLN A 429 23.49 -22.30 -8.81
N LEU A 430 23.77 -21.04 -9.09
CA LEU A 430 24.81 -20.67 -10.03
C LEU A 430 26.12 -20.47 -9.26
N GLU A 431 27.24 -20.75 -9.93
CA GLU A 431 28.56 -20.59 -9.33
C GLU A 431 28.91 -19.13 -9.17
N LYS A 432 29.77 -18.83 -8.20
CA LYS A 432 30.18 -17.44 -7.95
C LYS A 432 31.43 -17.06 -8.79
N GLU A 433 32.18 -18.06 -9.26
CA GLU A 433 33.41 -17.85 -10.01
C GLU A 433 33.45 -18.74 -11.25
N PRO A 434 34.17 -18.32 -12.31
CA PRO A 434 34.27 -19.18 -13.51
C PRO A 434 34.90 -20.52 -13.17
N ILE A 435 34.38 -21.59 -13.76
CA ILE A 435 34.86 -22.94 -13.52
C ILE A 435 36.17 -23.21 -14.33
N VAL A 436 37.13 -23.87 -13.67
CA VAL A 436 38.39 -24.26 -14.30
C VAL A 436 38.13 -25.62 -14.97
N GLY A 437 38.68 -25.80 -16.17
CA GLY A 437 38.53 -27.07 -16.88
C GLY A 437 37.15 -27.36 -17.44
N ALA A 438 36.35 -26.28 -17.59
CA ALA A 438 35.01 -26.28 -18.15
C ALA A 438 35.05 -25.40 -19.41
N GLU A 439 34.26 -25.78 -20.41
CA GLU A 439 34.20 -25.07 -21.68
C GLU A 439 33.40 -23.79 -21.56
N THR A 440 33.94 -22.67 -22.12
CA THR A 440 33.30 -21.36 -22.15
C THR A 440 32.59 -21.10 -23.47
N PHE A 441 31.26 -20.94 -23.41
CA PHE A 441 30.40 -20.69 -24.55
C PHE A 441 30.10 -19.21 -24.60
N TYR A 442 30.39 -18.57 -25.72
CA TYR A 442 30.08 -17.17 -25.91
C TYR A 442 28.83 -17.23 -26.77
N VAL A 443 27.65 -17.04 -26.15
CA VAL A 443 26.39 -17.13 -26.85
C VAL A 443 25.94 -15.81 -27.42
N ASP A 444 25.15 -15.88 -28.47
CA ASP A 444 24.63 -14.70 -29.12
C ASP A 444 23.28 -14.99 -29.74
N GLY A 445 22.40 -14.01 -29.63
CA GLY A 445 21.06 -14.11 -30.17
C GLY A 445 20.71 -12.75 -30.73
N ALA A 446 20.13 -12.74 -31.92
CA ALA A 446 19.71 -11.52 -32.59
C ALA A 446 18.48 -11.79 -33.46
N ALA A 447 17.66 -10.77 -33.67
CA ALA A 447 16.47 -10.91 -34.48
C ALA A 447 16.24 -9.66 -35.30
N ASN A 448 15.93 -9.86 -36.59
CA ASN A 448 15.66 -8.76 -37.51
C ASN A 448 14.26 -8.27 -37.18
N ARG A 449 14.12 -6.99 -36.83
CA ARG A 449 12.81 -6.43 -36.47
C ARG A 449 11.87 -6.34 -37.70
N GLU A 450 12.46 -6.13 -38.89
CA GLU A 450 11.68 -6.02 -40.11
C GLU A 450 11.07 -7.34 -40.54
N THR A 451 11.82 -8.44 -40.46
CA THR A 451 11.34 -9.76 -40.91
C THR A 451 10.89 -10.73 -39.81
N LYS A 452 11.24 -10.43 -38.54
CA LYS A 452 10.97 -11.27 -37.36
C LYS A 452 11.73 -12.61 -37.36
N LEU A 453 12.72 -12.75 -38.24
CA LEU A 453 13.55 -13.95 -38.31
C LEU A 453 14.75 -13.70 -37.39
N GLY A 454 15.15 -14.74 -36.67
CA GLY A 454 16.27 -14.62 -35.76
C GLY A 454 17.27 -15.74 -35.86
N LYS A 455 18.39 -15.55 -35.20
CA LYS A 455 19.45 -16.54 -35.17
C LYS A 455 19.96 -16.65 -33.74
N ALA A 456 20.13 -17.87 -33.28
CA ALA A 456 20.63 -18.16 -31.94
C ALA A 456 21.88 -19.02 -32.12
N GLY A 457 22.95 -18.71 -31.41
CA GLY A 457 24.18 -19.48 -31.54
C GLY A 457 25.25 -19.26 -30.48
N TYR A 458 26.40 -19.86 -30.72
CA TYR A 458 27.55 -19.77 -29.83
C TYR A 458 28.86 -20.13 -30.52
N VAL A 459 29.97 -19.71 -29.92
CA VAL A 459 31.36 -20.03 -30.29
C VAL A 459 32.01 -20.37 -28.93
N THR A 460 32.83 -21.44 -28.89
CA THR A 460 33.46 -21.84 -27.63
C THR A 460 35.01 -21.68 -27.66
N ASN A 461 35.64 -21.70 -26.48
CA ASN A 461 37.09 -21.59 -26.34
C ASN A 461 37.84 -22.84 -26.89
N ARG A 462 37.10 -23.96 -27.03
CA ARG A 462 37.44 -25.28 -27.54
C ARG A 462 37.15 -25.42 -29.08
N GLY A 463 36.77 -24.33 -29.74
CA GLY A 463 36.50 -24.32 -31.17
C GLY A 463 35.13 -24.76 -31.66
N ARG A 464 34.23 -25.20 -30.76
CA ARG A 464 32.89 -25.60 -31.18
C ARG A 464 32.03 -24.40 -31.52
N GLN A 465 31.08 -24.56 -32.43
CA GLN A 465 30.18 -23.49 -32.84
C GLN A 465 28.88 -24.07 -33.33
N LYS A 466 27.82 -23.26 -33.28
CA LYS A 466 26.50 -23.68 -33.76
C LYS A 466 25.66 -22.43 -34.00
N VAL A 467 24.79 -22.48 -35.02
CA VAL A 467 23.88 -21.39 -35.39
C VAL A 467 22.56 -22.06 -35.77
N VAL A 468 21.45 -21.55 -35.25
CA VAL A 468 20.13 -22.09 -35.56
C VAL A 468 19.23 -20.92 -35.98
N THR A 469 18.36 -21.14 -36.98
CA THR A 469 17.45 -20.09 -37.44
C THR A 469 16.11 -20.22 -36.73
N LEU A 470 15.51 -19.08 -36.37
CA LEU A 470 14.23 -19.04 -35.65
C LEU A 470 13.23 -18.17 -36.42
N THR A 471 11.97 -18.59 -36.48
CA THR A 471 10.94 -17.84 -37.21
C THR A 471 10.00 -17.12 -36.25
N ASP A 472 9.48 -15.94 -36.63
CA ASP A 472 8.55 -15.15 -35.82
C ASP A 472 9.00 -15.06 -34.34
N THR A 473 10.19 -14.49 -34.16
CA THR A 473 10.84 -14.38 -32.88
C THR A 473 11.21 -12.92 -32.55
N THR A 474 11.75 -12.72 -31.33
CA THR A 474 12.20 -11.45 -30.80
C THR A 474 13.67 -11.58 -30.36
N ASN A 475 14.31 -10.44 -30.02
CA ASN A 475 15.68 -10.43 -29.53
C ASN A 475 15.75 -11.22 -28.22
N GLN A 476 14.80 -10.99 -27.31
CA GLN A 476 14.71 -11.68 -26.03
C GLN A 476 14.59 -13.17 -26.16
N LYS A 477 13.76 -13.67 -27.09
CA LYS A 477 13.60 -15.12 -27.28
C LYS A 477 14.86 -15.73 -27.90
N THR A 478 15.54 -15.02 -28.81
CA THR A 478 16.79 -15.53 -29.42
C THR A 478 17.95 -15.54 -28.40
N GLU A 479 17.95 -14.58 -27.42
CA GLU A 479 18.96 -14.52 -26.38
C GLU A 479 18.77 -15.74 -25.44
N LEU A 480 17.52 -16.10 -25.13
CA LEU A 480 17.19 -17.26 -24.31
C LEU A 480 17.45 -18.57 -25.11
N GLN A 481 17.22 -18.54 -26.42
CA GLN A 481 17.45 -19.70 -27.27
C GLN A 481 18.97 -20.00 -27.31
N ALA A 482 19.79 -18.94 -27.44
CA ALA A 482 21.25 -19.02 -27.46
C ALA A 482 21.80 -19.63 -26.18
N ILE A 483 21.19 -19.29 -25.01
CA ILE A 483 21.62 -19.83 -23.70
C ILE A 483 21.24 -21.31 -23.59
N TYR A 484 20.02 -21.63 -24.01
CA TYR A 484 19.50 -22.98 -24.00
C TYR A 484 20.35 -23.89 -24.90
N LEU A 485 20.83 -23.36 -26.06
CA LEU A 485 21.67 -24.10 -26.99
C LEU A 485 22.94 -24.55 -26.28
N ALA A 486 23.60 -23.63 -25.58
CA ALA A 486 24.82 -23.83 -24.83
C ALA A 486 24.63 -24.87 -23.71
N LEU A 487 23.46 -24.84 -23.04
CA LEU A 487 23.09 -25.77 -21.98
C LEU A 487 22.93 -27.17 -22.59
N GLN A 488 22.29 -27.27 -23.74
CA GLN A 488 22.07 -28.53 -24.42
C GLN A 488 23.36 -29.21 -24.93
N ASP A 489 24.31 -28.42 -25.48
CA ASP A 489 25.54 -28.96 -26.06
C ASP A 489 26.75 -29.01 -25.13
N SER A 490 26.62 -28.53 -23.89
CA SER A 490 27.74 -28.57 -22.96
C SER A 490 27.65 -29.78 -22.03
N GLY A 491 28.73 -30.05 -21.29
CA GLY A 491 28.77 -31.14 -20.31
C GLY A 491 28.19 -30.69 -18.99
N LEU A 492 28.52 -31.40 -17.89
CA LEU A 492 27.99 -31.05 -16.57
C LEU A 492 28.55 -29.74 -16.00
N GLU A 493 29.69 -29.27 -16.50
CA GLU A 493 30.28 -28.00 -16.03
C GLU A 493 30.48 -27.05 -17.21
N VAL A 494 29.85 -25.87 -17.16
CA VAL A 494 29.94 -24.92 -18.26
C VAL A 494 29.97 -23.45 -17.85
N ASN A 495 30.80 -22.66 -18.54
CA ASN A 495 30.87 -21.22 -18.36
C ASN A 495 30.09 -20.63 -19.54
N ILE A 496 29.14 -19.70 -19.28
CA ILE A 496 28.37 -19.11 -20.36
C ILE A 496 28.48 -17.60 -20.33
N VAL A 497 28.93 -17.00 -21.44
CA VAL A 497 29.06 -15.55 -21.54
C VAL A 497 27.92 -15.07 -22.43
N THR A 498 27.17 -14.06 -21.97
CA THR A 498 26.08 -13.51 -22.74
C THR A 498 26.08 -12.00 -22.67
N ASP A 499 25.50 -11.35 -23.65
CA ASP A 499 25.35 -9.89 -23.62
C ASP A 499 23.90 -9.53 -23.19
N SER A 500 23.08 -10.55 -22.80
CA SER A 500 21.71 -10.35 -22.40
C SER A 500 21.53 -10.16 -20.90
N GLN A 501 21.28 -8.91 -20.47
CA GLN A 501 21.00 -8.62 -19.06
C GLN A 501 19.64 -9.27 -18.71
N TYR A 502 18.68 -9.25 -19.68
CA TYR A 502 17.36 -9.82 -19.59
C TYR A 502 17.43 -11.29 -19.18
N ALA A 503 18.21 -12.10 -19.90
CA ALA A 503 18.31 -13.52 -19.63
C ALA A 503 19.02 -13.79 -18.31
N LEU A 504 20.09 -13.03 -18.04
CA LEU A 504 20.89 -13.16 -16.82
C LEU A 504 20.01 -12.91 -15.59
N GLY A 505 19.23 -11.83 -15.63
CA GLY A 505 18.33 -11.45 -14.57
C GLY A 505 17.28 -12.50 -14.24
N ILE A 506 16.77 -13.22 -15.24
CA ILE A 506 15.78 -14.26 -15.04
C ILE A 506 16.41 -15.45 -14.32
N ILE A 507 17.55 -15.94 -14.85
CA ILE A 507 18.26 -17.10 -14.32
C ILE A 507 18.89 -16.87 -12.96
N GLN A 508 19.42 -15.66 -12.72
CA GLN A 508 20.03 -15.32 -11.43
C GLN A 508 19.03 -15.40 -10.28
N ALA A 509 17.71 -15.31 -10.55
CA ALA A 509 16.71 -15.40 -9.47
C ALA A 509 16.22 -16.82 -9.17
N GLN A 510 16.92 -17.83 -9.71
CA GLN A 510 16.64 -19.25 -9.52
C GLN A 510 15.17 -19.68 -9.70
N PRO A 511 14.55 -19.30 -10.83
CA PRO A 511 13.16 -19.72 -11.03
C PRO A 511 13.04 -21.20 -11.29
N ASP A 512 11.90 -21.77 -10.93
CA ASP A 512 11.60 -23.16 -11.26
C ASP A 512 10.22 -23.29 -11.98
N GLN A 513 9.51 -22.17 -12.14
CA GLN A 513 8.20 -22.09 -12.76
C GLN A 513 8.15 -20.89 -13.66
N SER A 514 7.54 -21.07 -14.84
CA SER A 514 7.45 -19.99 -15.80
C SER A 514 6.31 -20.22 -16.77
N GLU A 515 5.77 -19.12 -17.27
CA GLU A 515 4.71 -19.15 -18.27
C GLU A 515 5.32 -19.57 -19.64
N SER A 516 6.58 -19.10 -19.91
CA SER A 516 7.38 -19.33 -21.09
C SER A 516 7.87 -20.78 -21.20
N GLU A 517 7.57 -21.43 -22.32
CA GLU A 517 8.00 -22.81 -22.60
C GLU A 517 9.54 -22.86 -22.63
N LEU A 518 10.15 -21.84 -23.23
CA LEU A 518 11.59 -21.65 -23.36
C LEU A 518 12.29 -21.49 -22.02
N VAL A 519 11.70 -20.73 -21.06
CA VAL A 519 12.30 -20.58 -19.74
C VAL A 519 12.21 -21.93 -19.00
N ASN A 520 11.10 -22.65 -19.14
CA ASN A 520 10.95 -23.97 -18.53
C ASN A 520 12.00 -24.99 -19.05
N GLN A 521 12.37 -24.90 -20.33
CA GLN A 521 13.40 -25.78 -20.90
C GLN A 521 14.76 -25.43 -20.33
N ILE A 522 15.05 -24.12 -20.17
CA ILE A 522 16.31 -23.65 -19.57
C ILE A 522 16.43 -24.18 -18.15
N ILE A 523 15.31 -24.17 -17.38
CA ILE A 523 15.23 -24.67 -16.01
C ILE A 523 15.62 -26.17 -15.93
N GLU A 524 14.96 -27.04 -16.73
CA GLU A 524 15.26 -28.49 -16.78
C GLU A 524 16.77 -28.76 -16.99
N GLN A 525 17.39 -27.97 -17.88
CA GLN A 525 18.82 -28.08 -18.17
C GLN A 525 19.65 -27.64 -16.96
N LEU A 526 19.36 -26.45 -16.39
CA LEU A 526 20.06 -25.89 -15.24
C LEU A 526 20.09 -26.83 -14.04
N ILE A 527 18.96 -27.51 -13.77
CA ILE A 527 18.83 -28.45 -12.66
C ILE A 527 19.76 -29.65 -12.82
N LYS A 528 19.85 -30.20 -14.04
CA LYS A 528 20.69 -31.37 -14.32
C LYS A 528 22.19 -31.09 -14.35
N LYS A 529 22.60 -29.82 -14.42
CA LYS A 529 24.02 -29.49 -14.45
C LYS A 529 24.68 -29.62 -13.07
N GLU A 530 26.01 -29.75 -13.04
CA GLU A 530 26.76 -29.85 -11.79
C GLU A 530 27.27 -28.47 -11.42
N LYS A 531 27.79 -27.71 -12.40
CA LYS A 531 28.32 -26.36 -12.19
C LYS A 531 28.05 -25.45 -13.37
N VAL A 532 27.23 -24.40 -13.17
CA VAL A 532 26.96 -23.46 -14.23
C VAL A 532 27.41 -22.10 -13.75
N TYR A 533 28.20 -21.41 -14.57
CA TYR A 533 28.63 -20.07 -14.25
C TYR A 533 28.12 -19.13 -15.38
N LEU A 534 27.41 -18.06 -15.04
CA LEU A 534 26.85 -17.14 -16.03
C LEU A 534 27.49 -15.77 -15.89
N ALA A 535 28.05 -15.27 -16.99
CA ALA A 535 28.68 -13.95 -16.98
C ALA A 535 28.07 -13.10 -18.08
N TRP A 536 28.15 -11.77 -17.92
CA TRP A 536 27.64 -10.78 -18.84
C TRP A 536 28.72 -9.85 -19.39
N VAL A 537 28.65 -9.55 -20.68
CA VAL A 537 29.57 -8.61 -21.33
C VAL A 537 28.77 -7.60 -22.14
N PRO A 538 29.24 -6.34 -22.26
CA PRO A 538 28.49 -5.37 -23.09
C PRO A 538 28.44 -5.83 -24.56
N ALA A 539 27.34 -5.50 -25.24
CA ALA A 539 27.11 -5.86 -26.64
C ALA A 539 28.34 -5.68 -27.57
N GLU B 7 -4.70 36.15 13.50
CA GLU B 7 -5.18 36.08 12.11
C GLU B 7 -4.47 34.99 11.29
N THR B 8 -5.23 34.27 10.44
CA THR B 8 -4.71 33.16 9.63
C THR B 8 -4.28 33.54 8.22
N VAL B 9 -3.32 32.81 7.68
CA VAL B 9 -2.85 33.04 6.30
C VAL B 9 -3.74 32.21 5.39
N PRO B 10 -4.50 32.84 4.48
CA PRO B 10 -5.38 32.06 3.59
C PRO B 10 -4.60 31.16 2.64
N VAL B 11 -4.95 29.87 2.61
CA VAL B 11 -4.25 28.91 1.76
C VAL B 11 -5.14 28.45 0.60
N LYS B 12 -4.60 28.45 -0.62
CA LYS B 12 -5.33 28.00 -1.80
C LYS B 12 -4.71 26.72 -2.37
N LEU B 13 -5.55 25.85 -2.96
CA LEU B 13 -5.03 24.65 -3.60
C LEU B 13 -4.63 25.02 -5.06
N LYS B 14 -3.84 24.14 -5.70
CA LYS B 14 -3.45 24.39 -7.09
C LYS B 14 -4.67 24.12 -7.99
N PRO B 15 -5.03 25.09 -8.88
CA PRO B 15 -6.22 24.95 -9.74
C PRO B 15 -6.36 23.61 -10.48
N GLY B 16 -7.57 23.05 -10.42
CA GLY B 16 -7.87 21.78 -11.06
C GLY B 16 -7.68 20.58 -10.15
N MET B 17 -6.87 20.72 -9.09
CA MET B 17 -6.64 19.62 -8.16
C MET B 17 -7.51 19.78 -6.92
N ASP B 18 -8.02 18.65 -6.43
CA ASP B 18 -8.83 18.66 -5.22
C ASP B 18 -7.94 18.15 -4.06
N GLY B 19 -8.47 18.20 -2.84
CA GLY B 19 -7.76 17.73 -1.66
C GLY B 19 -7.43 16.25 -1.74
N PRO B 20 -6.63 15.79 -0.79
CA PRO B 20 -6.22 14.38 -0.80
C PRO B 20 -7.34 13.41 -0.40
N LYS B 21 -7.36 12.23 -1.01
CA LYS B 21 -8.36 11.19 -0.72
C LYS B 21 -7.60 9.89 -0.68
N VAL B 22 -6.67 9.80 0.25
CA VAL B 22 -5.78 8.65 0.36
C VAL B 22 -6.27 7.70 1.43
N LYS B 23 -6.30 6.40 1.11
CA LYS B 23 -6.77 5.35 2.01
C LYS B 23 -5.87 5.19 3.27
N GLN B 24 -6.50 4.88 4.42
CA GLN B 24 -5.77 4.66 5.65
C GLN B 24 -5.25 3.20 5.63
N TRP B 25 -3.95 3.00 5.86
CA TRP B 25 -3.36 1.66 5.87
CA TRP B 25 -3.30 1.70 5.90
C TRP B 25 -3.69 0.98 7.22
N PRO B 26 -3.89 -0.37 7.24
CA PRO B 26 -4.23 -1.02 8.52
C PRO B 26 -3.14 -0.88 9.57
N LEU B 27 -3.55 -0.72 10.84
CA LEU B 27 -2.61 -0.53 11.94
C LEU B 27 -2.75 -1.60 12.99
N THR B 28 -1.66 -1.89 13.72
CA THR B 28 -1.72 -2.86 14.80
C THR B 28 -2.51 -2.22 15.98
N GLU B 29 -3.02 -3.04 16.87
CA GLU B 29 -3.75 -2.63 18.05
C GLU B 29 -2.94 -1.68 18.93
N GLU B 30 -1.63 -1.96 19.15
CA GLU B 30 -0.84 -1.05 19.98
C GLU B 30 -0.66 0.36 19.35
N LYS B 31 -0.62 0.46 18.01
CA LYS B 31 -0.48 1.76 17.36
C LYS B 31 -1.79 2.53 17.36
N ILE B 32 -2.92 1.83 17.23
CA ILE B 32 -4.25 2.42 17.26
C ILE B 32 -4.49 3.04 18.67
N LYS B 33 -4.19 2.29 19.74
CA LYS B 33 -4.32 2.75 21.12
C LYS B 33 -3.42 3.96 21.37
N ALA B 34 -2.20 3.94 20.83
CA ALA B 34 -1.27 5.05 20.99
C ALA B 34 -1.83 6.31 20.33
N LEU B 35 -2.40 6.18 19.12
CA LEU B 35 -2.98 7.30 18.38
C LEU B 35 -4.29 7.81 19.04
N VAL B 36 -5.09 6.92 19.63
CA VAL B 36 -6.34 7.29 20.28
C VAL B 36 -6.01 8.18 21.50
N GLU B 37 -5.01 7.78 22.29
CA GLU B 37 -4.54 8.51 23.44
C GLU B 37 -3.95 9.87 23.05
N ILE B 38 -3.14 9.94 21.99
CA ILE B 38 -2.56 11.20 21.54
C ILE B 38 -3.66 12.15 21.01
N CYS B 39 -4.60 11.59 20.25
CA CYS B 39 -5.66 12.38 19.65
C CYS B 39 -6.68 12.84 20.66
N THR B 40 -6.90 12.08 21.72
CA THR B 40 -7.81 12.48 22.79
C THR B 40 -7.27 13.72 23.46
N GLU B 41 -5.96 13.72 23.76
CA GLU B 41 -5.26 14.84 24.35
C GLU B 41 -5.26 16.08 23.43
N MET B 42 -4.93 15.92 22.12
CA MET B 42 -4.89 17.03 21.15
C MET B 42 -6.26 17.72 20.96
N GLU B 43 -7.33 16.94 21.03
CA GLU B 43 -8.70 17.40 20.89
C GLU B 43 -9.05 18.29 22.11
N LYS B 44 -8.64 17.86 23.34
CA LYS B 44 -8.84 18.62 24.58
C LYS B 44 -8.14 19.97 24.47
N GLU B 45 -6.92 19.97 23.92
CA GLU B 45 -6.13 21.18 23.69
C GLU B 45 -6.63 22.03 22.50
N GLY B 46 -7.66 21.59 21.78
CA GLY B 46 -8.22 22.30 20.63
C GLY B 46 -7.40 22.25 19.36
N LYS B 47 -6.37 21.38 19.31
CA LYS B 47 -5.50 21.29 18.13
C LYS B 47 -6.15 20.65 16.92
N ILE B 48 -7.03 19.70 17.18
CA ILE B 48 -7.79 18.95 16.18
C ILE B 48 -9.25 18.90 16.63
N SER B 49 -10.17 18.58 15.70
CA SER B 49 -11.59 18.46 16.02
C SER B 49 -12.20 17.27 15.30
N LYS B 50 -13.16 16.57 15.94
CA LYS B 50 -13.84 15.45 15.28
C LYS B 50 -14.63 16.01 14.09
N ILE B 51 -14.70 15.24 12.99
CA ILE B 51 -15.39 15.72 11.80
C ILE B 51 -16.53 14.81 11.33
N GLY B 52 -17.45 15.40 10.55
CA GLY B 52 -18.62 14.77 9.97
C GLY B 52 -18.32 14.09 8.64
N PRO B 53 -19.34 13.42 8.08
CA PRO B 53 -19.13 12.69 6.81
C PRO B 53 -19.02 13.59 5.60
N GLU B 54 -19.43 14.86 5.75
CA GLU B 54 -19.35 15.85 4.70
C GLU B 54 -17.92 16.22 4.33
N ASN B 55 -16.91 15.67 5.06
CA ASN B 55 -15.51 15.90 4.74
C ASN B 55 -15.12 14.65 3.98
N PRO B 56 -14.97 14.75 2.65
CA PRO B 56 -14.61 13.57 1.86
C PRO B 56 -13.10 13.33 1.73
N TYR B 57 -12.27 14.13 2.42
CA TYR B 57 -10.81 14.04 2.34
C TYR B 57 -10.21 13.12 3.36
N ASN B 58 -9.03 12.57 3.04
CA ASN B 58 -8.31 11.71 3.96
C ASN B 58 -6.83 11.65 3.66
N THR B 59 -6.03 11.64 4.71
CA THR B 59 -4.59 11.54 4.69
C THR B 59 -4.21 10.41 5.65
N PRO B 60 -3.31 9.47 5.27
CA PRO B 60 -2.94 8.39 6.19
C PRO B 60 -2.22 8.89 7.44
N VAL B 61 -2.41 8.15 8.53
CA VAL B 61 -1.80 8.45 9.82
C VAL B 61 -1.11 7.18 10.36
N PHE B 62 0.02 7.34 10.99
CA PHE B 62 0.81 6.26 11.55
C PHE B 62 1.34 6.67 12.93
N ALA B 63 1.87 5.69 13.67
CA ALA B 63 2.49 5.88 14.97
C ALA B 63 3.93 5.36 14.87
N ILE B 64 4.91 6.19 15.22
CA ILE B 64 6.32 5.83 15.20
C ILE B 64 6.96 6.08 16.57
N LYS B 65 8.18 5.55 16.79
CA LYS B 65 8.90 5.77 18.04
C LYS B 65 9.79 7.00 17.85
N LYS B 66 9.71 7.93 18.81
CA LYS B 66 10.45 9.19 18.82
C LYS B 66 12.00 9.04 18.65
N LYS B 67 12.66 10.16 18.32
CA LYS B 67 14.11 10.21 18.15
C LYS B 67 14.81 10.29 19.52
N ASP B 68 14.21 11.04 20.49
CA ASP B 68 14.78 11.25 21.82
C ASP B 68 14.19 10.37 22.93
N SER B 69 13.16 9.54 22.66
CA SER B 69 12.57 8.71 23.72
C SER B 69 11.85 7.42 23.22
N THR B 70 11.30 6.63 24.17
CA THR B 70 10.54 5.40 23.94
C THR B 70 9.02 5.67 23.73
N LYS B 71 8.58 6.94 23.85
CA LYS B 71 7.16 7.26 23.70
C LYS B 71 6.70 7.27 22.25
N TRP B 72 5.43 6.94 22.04
CA TRP B 72 4.83 6.92 20.73
C TRP B 72 4.54 8.32 20.24
N ARG B 73 4.68 8.53 18.95
CA ARG B 73 4.36 9.81 18.35
C ARG B 73 3.56 9.59 17.05
N LYS B 74 2.67 10.52 16.80
CA LYS B 74 1.82 10.49 15.63
C LYS B 74 2.57 11.03 14.44
N LEU B 75 2.44 10.35 13.32
CA LEU B 75 3.06 10.78 12.09
C LEU B 75 1.96 10.80 11.03
N VAL B 76 1.72 11.96 10.44
CA VAL B 76 0.74 12.08 9.36
C VAL B 76 1.47 12.15 8.02
N ASP B 77 1.06 11.30 7.08
CA ASP B 77 1.67 11.26 5.76
C ASP B 77 0.98 12.26 4.86
N PHE B 78 1.47 13.51 4.84
CA PHE B 78 0.92 14.57 4.03
C PHE B 78 1.53 14.64 2.64
N ARG B 79 2.10 13.56 2.12
CA ARG B 79 2.70 13.56 0.79
C ARG B 79 1.76 14.05 -0.31
N GLU B 80 0.49 13.64 -0.32
CA GLU B 80 -0.46 14.11 -1.34
C GLU B 80 -0.84 15.58 -1.14
N LEU B 81 -1.22 15.98 0.10
CA LEU B 81 -1.55 17.38 0.39
C LEU B 81 -0.38 18.29 0.04
N ASN B 82 0.86 17.84 0.28
CA ASN B 82 2.05 18.63 -0.06
C ASN B 82 2.19 18.85 -1.57
N LYS B 83 2.00 17.79 -2.37
CA LYS B 83 2.07 17.88 -3.83
C LYS B 83 0.97 18.81 -4.35
N ARG B 84 -0.23 18.75 -3.75
CA ARG B 84 -1.39 19.56 -4.14
C ARG B 84 -1.35 21.01 -3.67
N THR B 85 -0.42 21.37 -2.78
CA THR B 85 -0.26 22.73 -2.27
C THR B 85 1.11 23.32 -2.62
N GLN B 86 1.88 22.68 -3.55
CA GLN B 86 3.23 23.08 -3.92
C GLN B 86 3.39 24.57 -4.23
N ASP B 87 2.41 25.21 -4.88
CA ASP B 87 2.53 26.63 -5.20
C ASP B 87 2.57 27.47 -3.94
N PHE B 88 1.79 27.10 -2.91
CA PHE B 88 1.77 27.85 -1.66
C PHE B 88 3.10 27.83 -0.86
N TRP B 89 3.61 26.62 -0.53
CA TRP B 89 4.84 26.51 0.25
C TRP B 89 6.14 26.72 -0.53
N GLU B 90 6.12 26.60 -1.87
CA GLU B 90 7.35 26.73 -2.66
C GLU B 90 7.46 28.02 -3.47
N VAL B 91 6.34 28.55 -3.95
CA VAL B 91 6.34 29.77 -4.76
C VAL B 91 5.90 30.97 -3.93
N GLN B 92 4.74 30.87 -3.27
CA GLN B 92 4.21 31.96 -2.47
C GLN B 92 5.01 32.25 -1.20
N LEU B 93 5.36 31.22 -0.42
CA LEU B 93 6.11 31.39 0.82
C LEU B 93 7.37 30.49 0.88
N GLY B 94 8.10 30.39 -0.21
CA GLY B 94 9.31 29.58 -0.27
C GLY B 94 10.42 29.96 0.69
N ILE B 95 11.06 28.94 1.31
CA ILE B 95 12.17 29.11 2.26
C ILE B 95 13.46 28.85 1.48
N PRO B 96 14.28 29.90 1.25
CA PRO B 96 15.52 29.70 0.46
C PRO B 96 16.54 28.79 1.12
N HIS B 97 17.20 27.92 0.32
CA HIS B 97 18.19 26.96 0.80
C HIS B 97 19.63 27.49 0.73
N PRO B 98 20.35 27.42 1.87
CA PRO B 98 21.72 27.94 1.88
C PRO B 98 22.77 26.94 1.40
N ALA B 99 23.63 27.41 0.50
CA ALA B 99 24.70 26.60 -0.07
C ALA B 99 25.85 26.33 0.92
N GLY B 100 25.96 27.14 1.97
CA GLY B 100 27.01 26.99 2.97
C GLY B 100 26.74 25.86 3.95
N LEU B 101 25.48 25.42 4.10
CA LEU B 101 25.15 24.36 5.05
C LEU B 101 25.95 23.05 4.82
N LYS B 102 26.05 22.57 3.59
CA LYS B 102 26.82 21.36 3.29
C LYS B 102 28.33 21.53 3.47
N LYS B 103 28.82 22.76 3.61
CA LYS B 103 30.24 23.02 3.79
C LYS B 103 30.68 23.05 5.27
N LYS B 104 29.73 23.02 6.23
CA LYS B 104 30.01 23.08 7.65
C LYS B 104 30.61 21.82 8.21
N LYS B 105 31.42 21.96 9.26
CA LYS B 105 32.08 20.87 9.95
C LYS B 105 31.05 19.99 10.66
N SER B 106 30.05 20.61 11.30
CA SER B 106 29.02 19.86 12.00
C SER B 106 27.67 20.44 11.74
N VAL B 107 26.67 19.58 11.54
CA VAL B 107 25.30 20.02 11.35
C VAL B 107 24.44 19.26 12.34
N THR B 108 23.70 19.97 13.20
CA THR B 108 22.83 19.36 14.18
C THR B 108 21.38 19.54 13.73
N VAL B 109 20.56 18.47 13.83
CA VAL B 109 19.16 18.51 13.43
C VAL B 109 18.29 18.63 14.68
N LEU B 110 17.50 19.69 14.80
CA LEU B 110 16.62 19.86 15.96
C LEU B 110 15.17 19.80 15.52
N ASP B 111 14.35 19.05 16.24
CA ASP B 111 12.93 18.95 15.93
C ASP B 111 12.22 20.18 16.48
N VAL B 112 11.56 20.96 15.62
CA VAL B 112 10.84 22.14 16.06
C VAL B 112 9.31 22.09 15.74
N GLY B 113 8.78 20.89 15.42
CA GLY B 113 7.37 20.64 15.13
C GLY B 113 6.34 21.13 16.14
N ASP B 114 6.73 21.21 17.43
CA ASP B 114 5.85 21.72 18.50
C ASP B 114 5.55 23.22 18.37
N ALA B 115 6.34 23.96 17.61
CA ALA B 115 6.13 25.37 17.38
C ALA B 115 4.83 25.64 16.64
N TYR B 116 4.49 24.78 15.65
CA TYR B 116 3.30 24.95 14.80
C TYR B 116 1.95 24.85 15.52
N PHE B 117 1.85 24.09 16.61
CA PHE B 117 0.55 23.96 17.31
C PHE B 117 0.03 25.27 17.95
N SER B 118 0.84 26.33 17.94
CA SER B 118 0.43 27.63 18.48
C SER B 118 -0.33 28.42 17.42
N VAL B 119 0.08 28.30 16.16
CA VAL B 119 -0.52 29.03 15.06
C VAL B 119 -1.78 28.36 14.50
N PRO B 120 -2.94 29.03 14.60
CA PRO B 120 -4.17 28.43 14.05
C PRO B 120 -4.13 28.33 12.52
N LEU B 121 -4.84 27.34 11.98
CA LEU B 121 -4.92 27.07 10.55
C LEU B 121 -6.14 27.75 9.93
N ASP B 122 -6.00 28.32 8.71
CA ASP B 122 -7.08 28.98 7.99
C ASP B 122 -8.30 28.06 7.90
N GLU B 123 -9.45 28.53 8.41
CA GLU B 123 -10.72 27.83 8.48
C GLU B 123 -11.14 27.11 7.20
N ASP B 124 -10.91 27.73 6.05
CA ASP B 124 -11.28 27.13 4.77
C ASP B 124 -10.27 26.07 4.25
N PHE B 125 -9.14 25.89 4.93
CA PHE B 125 -8.14 24.89 4.53
C PHE B 125 -8.19 23.65 5.45
N ARG B 126 -8.67 23.80 6.69
CA ARG B 126 -8.74 22.74 7.68
C ARG B 126 -9.30 21.40 7.18
N LYS B 127 -10.29 21.43 6.27
CA LYS B 127 -10.91 20.20 5.79
C LYS B 127 -9.92 19.29 5.06
N TYR B 128 -8.88 19.87 4.43
CA TYR B 128 -7.88 19.11 3.70
C TYR B 128 -6.91 18.34 4.58
N THR B 129 -6.94 18.57 5.91
CA THR B 129 -6.06 17.92 6.91
C THR B 129 -6.71 16.71 7.59
N ALA B 130 -7.91 16.30 7.13
CA ALA B 130 -8.65 15.16 7.63
C ALA B 130 -7.85 13.86 7.60
N PHE B 131 -7.97 13.08 8.69
CA PHE B 131 -7.31 11.79 8.89
C PHE B 131 -8.23 10.88 9.71
N THR B 132 -7.99 9.57 9.66
CA THR B 132 -8.84 8.60 10.32
C THR B 132 -8.03 7.60 11.14
N ILE B 133 -8.42 7.38 12.39
CA ILE B 133 -7.81 6.34 13.21
C ILE B 133 -8.64 5.11 12.89
N PRO B 134 -8.04 4.04 12.33
CA PRO B 134 -8.85 2.87 11.97
C PRO B 134 -9.28 2.05 13.19
N SER B 135 -10.15 1.08 12.96
CA SER B 135 -10.73 0.20 13.96
C SER B 135 -10.46 -1.26 13.61
N ILE B 136 -10.07 -2.07 14.61
CA ILE B 136 -9.79 -3.48 14.40
C ILE B 136 -11.07 -4.21 14.09
N ASN B 137 -11.02 -5.03 13.03
CA ASN B 137 -12.12 -5.83 12.52
C ASN B 137 -13.35 -4.98 12.10
N ASN B 138 -13.13 -3.68 11.84
CA ASN B 138 -14.16 -2.73 11.42
C ASN B 138 -15.34 -2.70 12.37
N GLU B 139 -15.04 -2.78 13.68
CA GLU B 139 -16.00 -2.74 14.78
C GLU B 139 -16.79 -1.44 14.72
N THR B 140 -16.06 -0.34 14.61
CA THR B 140 -16.65 0.97 14.50
C THR B 140 -16.13 1.60 13.23
N PRO B 141 -16.79 2.65 12.73
CA PRO B 141 -16.19 3.40 11.60
C PRO B 141 -14.96 4.11 12.21
N GLY B 142 -13.91 4.39 11.45
CA GLY B 142 -12.71 5.04 12.01
C GLY B 142 -13.01 6.25 12.91
N ILE B 143 -12.00 6.86 13.52
CA ILE B 143 -12.20 8.05 14.31
C ILE B 143 -11.68 9.14 13.42
N ARG B 144 -12.57 10.01 12.94
CA ARG B 144 -12.19 11.08 12.02
C ARG B 144 -11.92 12.43 12.67
N TYR B 145 -10.80 13.04 12.32
CA TYR B 145 -10.39 14.35 12.84
C TYR B 145 -9.83 15.22 11.75
N GLN B 146 -9.83 16.54 11.98
CA GLN B 146 -9.18 17.52 11.09
C GLN B 146 -8.38 18.48 11.98
N TYR B 147 -7.44 19.24 11.42
CA TYR B 147 -6.62 20.17 12.18
C TYR B 147 -7.17 21.59 12.32
N ASN B 148 -7.05 22.15 13.52
CA ASN B 148 -7.40 23.55 13.83
C ASN B 148 -6.14 24.44 13.85
N VAL B 149 -4.95 23.85 13.91
CA VAL B 149 -3.67 24.54 13.95
C VAL B 149 -2.78 23.99 12.83
N LEU B 150 -1.64 24.65 12.54
CA LEU B 150 -0.69 24.21 11.53
C LEU B 150 -0.20 22.80 11.89
N PRO B 151 -0.41 21.83 11.00
CA PRO B 151 -0.01 20.46 11.31
C PRO B 151 1.44 20.12 10.99
N GLN B 152 1.98 19.16 11.75
CA GLN B 152 3.33 18.66 11.51
C GLN B 152 3.25 17.75 10.28
N GLY B 153 4.24 17.85 9.39
CA GLY B 153 4.26 17.03 8.19
C GLY B 153 3.81 17.76 6.94
N TRP B 154 3.05 18.83 7.11
CA TRP B 154 2.58 19.65 6.01
C TRP B 154 3.62 20.73 5.71
N LYS B 155 4.07 20.83 4.45
CA LYS B 155 5.06 21.81 4.01
C LYS B 155 4.59 23.27 4.12
N GLY B 156 3.30 23.50 4.27
CA GLY B 156 2.77 24.84 4.46
C GLY B 156 2.98 25.32 5.89
N SER B 157 3.19 24.41 6.86
CA SER B 157 3.39 24.78 8.25
C SER B 157 4.68 25.59 8.45
N PRO B 158 5.89 25.14 8.00
CA PRO B 158 7.07 26.01 8.17
C PRO B 158 6.98 27.27 7.30
N ALA B 159 6.32 27.18 6.15
CA ALA B 159 6.12 28.29 5.23
C ALA B 159 5.34 29.44 5.89
N ILE B 160 4.31 29.11 6.69
CA ILE B 160 3.50 30.11 7.38
C ILE B 160 4.22 30.60 8.67
N PHE B 161 4.86 29.67 9.40
CA PHE B 161 5.58 29.98 10.63
C PHE B 161 6.90 30.74 10.39
N GLN B 162 7.40 30.76 9.16
CA GLN B 162 8.65 31.41 8.73
C GLN B 162 8.92 32.80 9.37
N SER B 163 7.90 33.65 9.42
CA SER B 163 8.00 35.00 9.99
C SER B 163 8.28 34.94 11.48
N SER B 164 7.60 34.03 12.19
CA SER B 164 7.78 33.87 13.62
C SER B 164 9.13 33.23 13.93
N MET B 165 9.56 32.25 13.13
CA MET B 165 10.84 31.60 13.28
C MET B 165 11.99 32.62 13.14
N THR B 166 11.85 33.60 12.22
CA THR B 166 12.86 34.64 11.97
C THR B 166 13.06 35.51 13.24
N LYS B 167 11.95 35.86 13.92
CA LYS B 167 11.97 36.64 15.16
C LYS B 167 12.62 35.84 16.30
N ILE B 168 12.25 34.56 16.43
CA ILE B 168 12.80 33.69 17.44
C ILE B 168 14.32 33.53 17.29
N LEU B 169 14.81 33.40 16.04
CA LEU B 169 16.22 33.20 15.74
C LEU B 169 17.07 34.45 15.56
N GLU B 170 16.46 35.65 15.42
CA GLU B 170 17.19 36.90 15.19
C GLU B 170 18.36 37.17 16.18
N PRO B 171 18.18 37.15 17.54
CA PRO B 171 19.33 37.40 18.42
C PRO B 171 20.43 36.36 18.26
N PHE B 172 20.07 35.07 18.18
CA PHE B 172 21.05 34.02 18.01
C PHE B 172 21.86 34.18 16.72
N ARG B 173 21.21 34.54 15.60
CA ARG B 173 21.92 34.72 14.33
C ARG B 173 22.81 35.96 14.34
N LYS B 174 22.37 37.05 14.97
CA LYS B 174 23.16 38.28 15.08
C LYS B 174 24.41 38.04 15.96
N GLN B 175 24.27 37.23 17.01
CA GLN B 175 25.37 36.91 17.90
C GLN B 175 26.33 35.88 17.32
N ASN B 176 25.85 35.03 16.39
CA ASN B 176 26.68 34.01 15.77
C ASN B 176 26.49 34.11 14.26
N PRO B 177 27.16 35.08 13.60
CA PRO B 177 26.97 35.27 12.15
C PRO B 177 27.49 34.15 11.25
N ASP B 178 28.42 33.33 11.73
CA ASP B 178 28.98 32.23 10.96
C ASP B 178 28.20 30.90 11.15
N ILE B 179 27.12 30.91 11.95
CA ILE B 179 26.32 29.71 12.14
C ILE B 179 25.18 29.78 11.11
N VAL B 180 24.98 28.69 10.38
CA VAL B 180 23.92 28.60 9.39
C VAL B 180 22.72 27.84 9.98
N ILE B 181 21.53 28.42 9.93
CA ILE B 181 20.32 27.77 10.43
C ILE B 181 19.37 27.66 9.26
N TYR B 182 18.97 26.41 8.93
CA TYR B 182 18.06 26.15 7.82
C TYR B 182 16.84 25.41 8.31
N GLN B 183 15.63 25.87 7.92
CA GLN B 183 14.42 25.15 8.31
C GLN B 183 13.91 24.26 7.15
N TYR B 184 13.69 22.97 7.42
CA TYR B 184 13.13 22.06 6.44
C TYR B 184 12.05 21.24 7.13
N MET B 185 10.81 21.49 6.75
CA MET B 185 9.64 20.82 7.32
C MET B 185 9.61 21.06 8.85
N ASP B 186 9.65 20.03 9.72
CA ASP B 186 9.63 20.16 11.16
C ASP B 186 10.99 20.31 11.80
N ASP B 187 12.08 20.38 11.04
CA ASP B 187 13.41 20.48 11.64
C ASP B 187 14.22 21.72 11.29
N LEU B 188 15.17 22.05 12.20
CA LEU B 188 16.16 23.11 12.02
C LEU B 188 17.47 22.40 11.80
N TYR B 189 18.23 22.83 10.81
CA TYR B 189 19.53 22.28 10.50
C TYR B 189 20.50 23.36 10.92
N VAL B 190 21.29 23.10 11.95
CA VAL B 190 22.22 24.10 12.51
C VAL B 190 23.68 23.73 12.25
N GLY B 191 24.34 24.46 11.37
CA GLY B 191 25.73 24.18 11.05
C GLY B 191 26.78 25.20 11.46
N SER B 192 27.92 24.70 11.90
CA SER B 192 29.05 25.58 12.28
C SER B 192 30.38 24.90 11.98
N ASP B 193 31.44 25.70 11.98
CA ASP B 193 32.82 25.22 11.81
C ASP B 193 33.56 25.13 13.17
N LEU B 194 32.85 25.33 14.30
CA LEU B 194 33.39 25.30 15.65
C LEU B 194 33.85 23.91 16.03
N GLU B 195 34.69 23.83 17.07
CA GLU B 195 35.17 22.57 17.66
C GLU B 195 33.90 21.87 18.22
N ILE B 196 33.82 20.54 18.16
CA ILE B 196 32.61 19.81 18.58
C ILE B 196 32.00 20.25 19.94
N GLY B 197 32.81 20.57 20.95
CA GLY B 197 32.35 21.03 22.25
C GLY B 197 31.75 22.41 22.21
N GLN B 198 32.37 23.33 21.46
CA GLN B 198 31.82 24.69 21.30
C GLN B 198 30.55 24.62 20.46
N HIS B 199 30.52 23.73 19.43
CA HIS B 199 29.34 23.54 18.58
C HIS B 199 28.16 23.07 19.46
N ARG B 200 28.37 22.04 20.30
CA ARG B 200 27.33 21.51 21.17
C ARG B 200 26.81 22.53 22.17
N THR B 201 27.71 23.39 22.68
CA THR B 201 27.41 24.48 23.60
C THR B 201 26.48 25.48 22.90
N LYS B 202 26.75 25.81 21.62
CA LYS B 202 25.90 26.72 20.83
C LYS B 202 24.51 26.08 20.54
N ILE B 203 24.45 24.76 20.41
CA ILE B 203 23.17 24.05 20.20
C ILE B 203 22.36 24.16 21.49
N GLU B 204 22.99 23.87 22.64
CA GLU B 204 22.31 24.01 23.94
C GLU B 204 21.83 25.46 24.17
N GLU B 205 22.59 26.44 23.67
CA GLU B 205 22.24 27.85 23.76
C GLU B 205 21.01 28.16 22.90
N LEU B 206 20.99 27.66 21.66
CA LEU B 206 19.86 27.83 20.75
C LEU B 206 18.59 27.12 21.31
N ARG B 207 18.76 26.00 22.02
CA ARG B 207 17.64 25.28 22.64
C ARG B 207 16.97 26.17 23.72
N GLN B 208 17.78 26.98 24.47
CA GLN B 208 17.28 27.92 25.45
C GLN B 208 16.48 29.02 24.79
N HIS B 209 16.94 29.52 23.64
CA HIS B 209 16.21 30.53 22.88
C HIS B 209 14.84 29.98 22.44
N LEU B 210 14.79 28.74 21.93
CA LEU B 210 13.54 28.11 21.50
C LEU B 210 12.63 27.84 22.70
N LEU B 211 13.21 27.45 23.85
CA LEU B 211 12.47 27.18 25.10
C LEU B 211 11.66 28.41 25.57
N ARG B 212 12.15 29.62 25.26
CA ARG B 212 11.46 30.86 25.58
C ARG B 212 10.17 31.06 24.77
N TRP B 213 10.05 30.39 23.62
CA TRP B 213 8.87 30.48 22.79
C TRP B 213 8.00 29.20 22.82
N GLY B 214 8.23 28.33 23.80
CA GLY B 214 7.49 27.08 23.96
C GLY B 214 8.02 25.91 23.15
N LEU B 215 9.14 26.10 22.42
CA LEU B 215 9.70 25.03 21.59
C LEU B 215 10.64 24.18 22.46
N THR B 216 10.07 23.24 23.22
CA THR B 216 10.84 22.35 24.08
C THR B 216 11.26 21.13 23.25
N THR B 217 12.49 21.14 22.72
CA THR B 217 12.99 20.04 21.88
C THR B 217 13.61 18.89 22.71
N MET B 231 21.96 7.89 11.53
CA MET B 231 22.34 9.25 11.91
C MET B 231 23.04 9.24 13.27
N GLY B 232 24.11 10.02 13.41
CA GLY B 232 24.82 10.13 14.67
C GLY B 232 24.24 11.27 15.50
N TYR B 233 25.06 11.92 16.36
CA TYR B 233 24.55 13.07 17.13
C TYR B 233 24.46 14.22 16.09
N GLU B 234 25.59 14.51 15.48
CA GLU B 234 25.68 15.53 14.46
C GLU B 234 25.99 14.85 13.13
N LEU B 235 25.74 15.56 12.04
CA LEU B 235 26.11 15.16 10.70
C LEU B 235 27.46 15.90 10.47
N HIS B 236 28.33 15.38 9.62
CA HIS B 236 29.59 16.05 9.33
C HIS B 236 29.71 16.09 7.83
N PRO B 237 29.01 17.06 7.19
CA PRO B 237 28.98 17.12 5.72
C PRO B 237 30.32 17.37 5.05
N ASP B 238 31.23 18.12 5.69
CA ASP B 238 32.56 18.35 5.10
C ASP B 238 33.32 17.02 4.89
N LYS B 239 32.96 15.96 5.66
CA LYS B 239 33.57 14.64 5.53
C LYS B 239 32.80 13.70 4.58
N TRP B 240 31.77 14.21 3.87
CA TRP B 240 31.01 13.39 2.95
C TRP B 240 31.79 13.27 1.68
N THR B 241 32.25 12.07 1.39
CA THR B 241 33.08 11.80 0.22
C THR B 241 32.42 10.69 -0.58
N VAL B 242 32.20 10.95 -1.88
CA VAL B 242 31.55 10.03 -2.80
C VAL B 242 32.19 8.65 -2.87
N GLN B 243 31.36 7.64 -3.20
CA GLN B 243 31.76 6.26 -3.39
C GLN B 243 32.15 6.22 -4.86
N PRO B 244 33.45 6.19 -5.16
CA PRO B 244 33.86 6.17 -6.56
C PRO B 244 33.57 4.83 -7.23
N ILE B 245 33.64 4.79 -8.57
CA ILE B 245 33.46 3.54 -9.29
C ILE B 245 34.81 2.83 -9.08
N VAL B 246 34.77 1.70 -8.37
CA VAL B 246 35.96 0.96 -7.97
C VAL B 246 36.52 0.02 -9.02
N LEU B 247 37.78 0.24 -9.39
CA LEU B 247 38.50 -0.61 -10.33
C LEU B 247 39.47 -1.41 -9.46
N PRO B 248 39.44 -2.75 -9.52
CA PRO B 248 40.35 -3.54 -8.67
C PRO B 248 41.84 -3.41 -9.00
N GLU B 249 42.69 -3.58 -7.97
CA GLU B 249 44.15 -3.55 -8.09
C GLU B 249 44.56 -5.02 -8.06
N LYS B 250 45.04 -5.57 -9.19
CA LYS B 250 45.39 -6.99 -9.23
C LYS B 250 46.80 -7.30 -9.75
N ASP B 251 47.33 -8.43 -9.30
CA ASP B 251 48.63 -8.95 -9.72
C ASP B 251 48.38 -9.89 -10.92
N SER B 252 47.32 -10.72 -10.83
CA SER B 252 46.92 -11.64 -11.89
C SER B 252 45.55 -11.18 -12.43
N TRP B 253 45.41 -11.12 -13.76
CA TRP B 253 44.18 -10.72 -14.41
C TRP B 253 43.67 -11.79 -15.37
N THR B 254 42.55 -12.46 -15.03
CA THR B 254 41.96 -13.47 -15.91
C THR B 254 41.11 -12.78 -17.01
N VAL B 255 40.59 -13.56 -18.00
CA VAL B 255 39.74 -13.03 -19.06
C VAL B 255 38.46 -12.45 -18.41
N ASN B 256 37.90 -13.18 -17.44
CA ASN B 256 36.71 -12.79 -16.71
C ASN B 256 36.90 -11.43 -16.00
N ASP B 257 38.05 -11.23 -15.30
CA ASP B 257 38.32 -9.97 -14.60
C ASP B 257 38.40 -8.79 -15.59
N ILE B 258 38.94 -9.02 -16.80
CA ILE B 258 39.03 -7.96 -17.81
C ILE B 258 37.63 -7.61 -18.32
N GLN B 259 36.79 -8.63 -18.55
CA GLN B 259 35.41 -8.44 -19.00
C GLN B 259 34.62 -7.58 -17.99
N LYS B 260 34.77 -7.88 -16.69
CA LYS B 260 34.07 -7.12 -15.65
C LYS B 260 34.54 -5.66 -15.58
N LEU B 261 35.85 -5.46 -15.79
CA LEU B 261 36.48 -4.14 -15.80
C LEU B 261 36.01 -3.34 -17.03
N VAL B 262 35.94 -3.99 -18.19
CA VAL B 262 35.47 -3.35 -19.41
C VAL B 262 33.97 -2.98 -19.28
N GLY B 263 33.18 -3.84 -18.66
CA GLY B 263 31.77 -3.57 -18.45
C GLY B 263 31.55 -2.39 -17.52
N LYS B 264 32.36 -2.34 -16.44
CA LYS B 264 32.28 -1.27 -15.43
C LYS B 264 32.80 0.07 -15.98
N LEU B 265 33.78 0.03 -16.91
CA LEU B 265 34.37 1.21 -17.56
C LEU B 265 33.47 1.72 -18.69
N ASN B 266 32.75 0.81 -19.36
CA ASN B 266 31.80 1.15 -20.43
C ASN B 266 30.64 1.97 -19.82
N TRP B 267 30.24 1.62 -18.59
CA TRP B 267 29.22 2.26 -17.78
C TRP B 267 29.69 3.68 -17.35
N ALA B 268 30.91 3.80 -16.79
CA ALA B 268 31.47 5.07 -16.35
C ALA B 268 31.81 6.02 -17.50
N SER B 269 32.08 5.48 -18.72
CA SER B 269 32.38 6.31 -19.90
C SER B 269 31.17 7.14 -20.35
N GLN B 270 29.95 6.68 -20.03
CA GLN B 270 28.72 7.39 -20.37
C GLN B 270 28.45 8.56 -19.38
N ILE B 271 29.07 8.53 -18.19
CA ILE B 271 28.92 9.54 -17.13
C ILE B 271 30.13 10.52 -17.14
N TYR B 272 31.36 10.00 -16.98
CA TYR B 272 32.61 10.75 -16.89
C TYR B 272 33.31 11.04 -18.22
N PRO B 273 33.50 12.34 -18.54
CA PRO B 273 34.21 12.69 -19.78
C PRO B 273 35.71 12.37 -19.74
N GLY B 274 36.17 11.52 -20.63
CA GLY B 274 37.59 11.16 -20.68
C GLY B 274 37.91 9.70 -20.46
N ILE B 275 36.90 8.88 -20.12
CA ILE B 275 37.12 7.44 -19.88
C ILE B 275 37.54 6.73 -21.18
N LYS B 276 38.65 5.98 -21.15
CA LYS B 276 39.12 5.24 -22.32
C LYS B 276 39.15 3.73 -22.04
N VAL B 277 38.84 2.90 -23.05
CA VAL B 277 38.83 1.46 -22.84
C VAL B 277 39.51 0.67 -23.99
N ARG B 278 39.88 1.33 -25.09
CA ARG B 278 40.52 0.73 -26.28
C ARG B 278 41.65 -0.29 -25.99
N GLN B 279 42.64 0.08 -25.18
CA GLN B 279 43.80 -0.78 -24.87
C GLN B 279 43.44 -2.03 -24.05
N LEU B 280 42.51 -1.90 -23.10
CA LEU B 280 42.07 -3.01 -22.28
C LEU B 280 41.16 -3.94 -23.09
N CYS B 281 40.26 -3.34 -23.89
CA CYS B 281 39.31 -4.05 -24.77
C CYS B 281 40.03 -4.95 -25.80
N LYS B 282 41.22 -4.52 -26.24
CA LYS B 282 42.05 -5.26 -27.19
C LYS B 282 42.52 -6.59 -26.59
N LEU B 283 42.77 -6.64 -25.26
CA LEU B 283 43.22 -7.86 -24.57
C LEU B 283 42.20 -9.01 -24.67
N LEU B 284 40.92 -8.68 -24.88
CA LEU B 284 39.83 -9.65 -25.00
C LEU B 284 39.67 -10.19 -26.43
N ARG B 285 40.76 -10.17 -27.24
CA ARG B 285 40.72 -10.66 -28.61
C ARG B 285 40.66 -12.19 -28.66
N GLY B 286 39.59 -12.70 -29.26
CA GLY B 286 39.37 -14.12 -29.38
C GLY B 286 38.17 -14.61 -28.60
N THR B 287 38.16 -15.91 -28.33
CA THR B 287 37.10 -16.60 -27.60
C THR B 287 37.84 -17.39 -26.53
N LYS B 288 38.59 -16.69 -25.66
CA LYS B 288 39.40 -17.36 -24.63
C LYS B 288 38.60 -17.89 -23.44
N ALA B 289 39.22 -18.82 -22.68
CA ALA B 289 38.65 -19.41 -21.46
C ALA B 289 38.59 -18.28 -20.41
N LEU B 290 37.49 -18.20 -19.61
CA LEU B 290 37.30 -17.15 -18.59
C LEU B 290 38.40 -17.10 -17.52
N THR B 291 38.91 -18.28 -17.13
CA THR B 291 39.96 -18.43 -16.11
C THR B 291 41.40 -18.24 -16.64
N GLU B 292 41.56 -17.95 -17.94
CA GLU B 292 42.89 -17.80 -18.53
C GLU B 292 43.55 -16.50 -18.16
N VAL B 293 44.81 -16.57 -17.70
CA VAL B 293 45.54 -15.38 -17.30
C VAL B 293 46.01 -14.61 -18.53
N ILE B 294 45.79 -13.29 -18.54
CA ILE B 294 46.22 -12.42 -19.62
C ILE B 294 47.13 -11.30 -19.08
N PRO B 295 48.36 -11.19 -19.62
CA PRO B 295 49.29 -10.16 -19.13
C PRO B 295 48.88 -8.76 -19.55
N LEU B 296 49.06 -7.78 -18.66
CA LEU B 296 48.70 -6.40 -18.96
C LEU B 296 49.78 -5.64 -19.71
N THR B 297 49.39 -4.99 -20.81
CA THR B 297 50.33 -4.19 -21.60
C THR B 297 50.59 -2.82 -20.93
N GLU B 298 51.62 -2.08 -21.40
CA GLU B 298 51.96 -0.76 -20.87
C GLU B 298 50.84 0.25 -21.16
N GLU B 299 50.20 0.13 -22.33
CA GLU B 299 49.11 0.98 -22.80
C GLU B 299 47.84 0.73 -21.98
N ALA B 300 47.59 -0.53 -21.60
CA ALA B 300 46.41 -0.89 -20.81
C ALA B 300 46.59 -0.46 -19.35
N GLU B 301 47.81 -0.61 -18.82
CA GLU B 301 48.13 -0.22 -17.43
C GLU B 301 48.06 1.30 -17.26
N LEU B 302 48.47 2.08 -18.28
CA LEU B 302 48.43 3.54 -18.22
C LEU B 302 46.96 4.01 -18.26
N GLU B 303 46.18 3.41 -19.18
CA GLU B 303 44.76 3.68 -19.36
C GLU B 303 43.98 3.39 -18.06
N LEU B 304 44.37 2.31 -17.36
CA LEU B 304 43.76 1.88 -16.10
C LEU B 304 44.00 2.91 -15.00
N ALA B 305 45.23 3.45 -14.93
CA ALA B 305 45.58 4.47 -13.93
C ALA B 305 44.92 5.81 -14.22
N GLU B 306 44.80 6.17 -15.52
CA GLU B 306 44.15 7.43 -15.92
C GLU B 306 42.62 7.38 -15.66
N ASN B 307 42.02 6.18 -15.72
CA ASN B 307 40.60 6.01 -15.44
C ASN B 307 40.37 6.15 -13.94
N ARG B 308 41.27 5.58 -13.11
CA ARG B 308 41.18 5.65 -11.64
C ARG B 308 41.21 7.10 -11.18
N GLU B 309 42.08 7.94 -11.80
CA GLU B 309 42.22 9.36 -11.47
C GLU B 309 40.91 10.12 -11.74
N ILE B 310 40.22 9.79 -12.86
CA ILE B 310 38.97 10.45 -13.22
C ILE B 310 37.86 10.05 -12.27
N LEU B 311 37.78 8.73 -11.95
CA LEU B 311 36.76 8.15 -11.05
C LEU B 311 36.84 8.69 -9.60
N LYS B 312 38.04 9.11 -9.16
CA LYS B 312 38.18 9.67 -7.81
C LYS B 312 37.85 11.19 -7.73
N GLU B 313 37.43 11.79 -8.86
CA GLU B 313 37.06 13.21 -8.91
C GLU B 313 35.55 13.37 -9.22
N PRO B 314 34.94 14.54 -8.95
CA PRO B 314 33.50 14.71 -9.26
C PRO B 314 33.20 14.65 -10.77
N VAL B 315 31.93 14.42 -11.15
CA VAL B 315 31.57 14.31 -12.56
C VAL B 315 31.54 15.69 -13.22
N HIS B 316 32.36 15.86 -14.28
CA HIS B 316 32.41 17.11 -15.01
C HIS B 316 31.17 17.23 -15.87
N GLY B 317 30.45 18.33 -15.74
CA GLY B 317 29.26 18.59 -16.53
C GLY B 317 27.94 18.30 -15.87
N VAL B 318 27.95 17.73 -14.65
CA VAL B 318 26.70 17.42 -13.95
C VAL B 318 26.34 18.47 -12.91
N TYR B 319 25.19 19.12 -13.08
CA TYR B 319 24.70 20.15 -12.19
C TYR B 319 23.26 19.95 -11.79
N TYR B 320 22.94 20.36 -10.58
CA TYR B 320 21.59 20.27 -10.05
C TYR B 320 20.74 21.36 -10.73
N ASP B 321 19.58 20.96 -11.25
CA ASP B 321 18.61 21.81 -11.93
C ASP B 321 17.44 21.93 -10.94
N PRO B 322 17.28 23.10 -10.29
CA PRO B 322 16.20 23.26 -9.29
C PRO B 322 14.76 23.00 -9.77
N SER B 323 14.53 23.08 -11.07
CA SER B 323 13.20 22.83 -11.63
C SER B 323 12.90 21.33 -11.82
N LYS B 324 13.88 20.42 -11.54
CA LYS B 324 13.67 18.98 -11.72
C LYS B 324 13.74 18.20 -10.42
N ASP B 325 13.03 17.07 -10.36
CA ASP B 325 13.03 16.20 -9.19
C ASP B 325 14.36 15.44 -9.06
N LEU B 326 14.75 15.15 -7.82
CA LEU B 326 15.93 14.35 -7.56
C LEU B 326 15.46 12.90 -7.46
N ILE B 327 16.29 11.97 -7.90
CA ILE B 327 16.00 10.55 -7.83
C ILE B 327 17.10 9.85 -7.07
N ALA B 328 16.75 8.88 -6.21
CA ALA B 328 17.74 8.12 -5.49
C ALA B 328 17.52 6.66 -5.77
N GLU B 329 18.59 5.95 -6.13
CA GLU B 329 18.50 4.52 -6.40
C GLU B 329 19.36 3.79 -5.36
N ILE B 330 18.88 2.64 -4.87
CA ILE B 330 19.62 1.87 -3.88
C ILE B 330 19.82 0.43 -4.35
N GLN B 331 21.00 -0.15 -4.11
CA GLN B 331 21.25 -1.55 -4.45
C GLN B 331 21.69 -2.25 -3.18
N LYS B 332 21.14 -3.43 -2.95
CA LYS B 332 21.49 -4.31 -1.86
C LYS B 332 22.78 -5.02 -2.32
N GLN B 333 23.88 -4.83 -1.62
CA GLN B 333 25.16 -5.44 -1.99
C GLN B 333 25.50 -6.71 -1.23
N GLY B 334 24.79 -6.99 -0.16
CA GLY B 334 25.05 -8.18 0.64
C GLY B 334 25.83 -7.84 1.89
N GLN B 335 25.75 -8.72 2.90
CA GLN B 335 26.45 -8.58 4.18
C GLN B 335 26.22 -7.22 4.85
N GLY B 336 24.99 -6.74 4.78
CA GLY B 336 24.58 -5.46 5.37
C GLY B 336 25.13 -4.22 4.68
N GLN B 337 25.55 -4.35 3.43
CA GLN B 337 26.07 -3.21 2.67
C GLN B 337 25.07 -2.79 1.59
N TRP B 338 24.86 -1.50 1.45
CA TRP B 338 23.94 -0.97 0.46
C TRP B 338 24.60 0.19 -0.26
N THR B 339 24.50 0.24 -1.59
CA THR B 339 25.06 1.35 -2.35
C THR B 339 23.92 2.25 -2.85
N TYR B 340 24.24 3.51 -3.15
CA TYR B 340 23.23 4.42 -3.65
C TYR B 340 23.77 5.55 -4.50
N GLN B 341 22.90 6.09 -5.36
CA GLN B 341 23.25 7.18 -6.26
C GLN B 341 22.08 8.12 -6.28
N ILE B 342 22.35 9.41 -6.45
CA ILE B 342 21.35 10.44 -6.54
C ILE B 342 21.61 11.16 -7.86
N TYR B 343 20.56 11.35 -8.67
CA TYR B 343 20.68 12.02 -9.97
C TYR B 343 19.35 12.64 -10.39
N GLN B 344 19.37 13.45 -11.46
CA GLN B 344 18.17 14.05 -12.04
C GLN B 344 17.88 13.41 -13.39
N GLU B 345 18.94 13.20 -14.19
CA GLU B 345 18.87 12.52 -15.47
C GLU B 345 19.56 11.22 -15.23
N PRO B 346 18.96 10.10 -15.67
CA PRO B 346 19.57 8.79 -15.40
C PRO B 346 21.06 8.69 -15.62
N PHE B 347 21.70 8.27 -14.55
CA PHE B 347 23.12 7.96 -14.39
C PHE B 347 24.03 9.20 -14.43
N LYS B 348 23.46 10.42 -14.48
CA LYS B 348 24.26 11.65 -14.41
C LYS B 348 24.26 11.98 -12.91
N ASN B 349 25.07 11.20 -12.14
CA ASN B 349 25.19 11.22 -10.67
C ASN B 349 25.63 12.52 -10.02
N LEU B 350 24.76 13.08 -9.19
CA LEU B 350 25.03 14.27 -8.41
C LEU B 350 25.79 13.86 -7.13
N LYS B 351 25.52 12.63 -6.60
CA LYS B 351 26.18 12.09 -5.41
C LYS B 351 26.05 10.57 -5.37
N THR B 352 27.09 9.89 -4.95
CA THR B 352 27.07 8.46 -4.74
C THR B 352 27.51 8.24 -3.29
N GLY B 353 27.14 7.08 -2.74
CA GLY B 353 27.52 6.74 -1.37
C GLY B 353 27.27 5.29 -1.04
N LYS B 354 27.41 4.97 0.23
CA LYS B 354 27.15 3.64 0.73
C LYS B 354 26.58 3.71 2.14
N TYR B 355 25.83 2.70 2.53
CA TYR B 355 25.26 2.61 3.85
C TYR B 355 25.60 1.22 4.38
N ALA B 356 26.09 1.14 5.63
CA ALA B 356 26.43 -0.14 6.23
C ALA B 356 25.82 -0.30 7.63
N ARG B 357 25.52 -1.55 8.02
CA ARG B 357 24.94 -1.82 9.33
C ARG B 357 25.98 -1.71 10.44
N THR B 363 19.27 -4.24 11.38
CA THR B 363 19.42 -5.67 11.68
C THR B 363 18.91 -6.55 10.52
N ASN B 364 17.60 -6.42 10.16
CA ASN B 364 17.01 -7.17 9.05
C ASN B 364 16.97 -6.30 7.77
N ASP B 365 16.68 -6.91 6.60
CA ASP B 365 16.67 -6.20 5.31
C ASP B 365 15.77 -4.98 5.25
N VAL B 366 14.54 -5.08 5.78
CA VAL B 366 13.63 -3.95 5.75
C VAL B 366 14.13 -2.85 6.65
N LYS B 367 14.63 -3.19 7.84
CA LYS B 367 15.14 -2.21 8.78
C LYS B 367 16.36 -1.44 8.23
N GLN B 368 17.30 -2.18 7.61
CA GLN B 368 18.51 -1.62 7.00
C GLN B 368 18.14 -0.68 5.87
N LEU B 369 17.16 -1.09 5.04
CA LEU B 369 16.70 -0.28 3.92
C LEU B 369 16.05 1.02 4.38
N THR B 370 15.26 0.98 5.49
CA THR B 370 14.65 2.22 6.00
C THR B 370 15.71 3.17 6.53
N GLU B 371 16.71 2.62 7.21
CA GLU B 371 17.81 3.40 7.77
C GLU B 371 18.59 4.09 6.65
N ALA B 372 18.84 3.36 5.54
CA ALA B 372 19.55 3.90 4.38
C ALA B 372 18.72 5.02 3.73
N VAL B 373 17.40 4.81 3.58
CA VAL B 373 16.51 5.81 2.98
C VAL B 373 16.54 7.11 3.79
N GLN B 374 16.46 6.98 5.13
CA GLN B 374 16.48 8.16 6.00
C GLN B 374 17.83 8.89 5.94
N LYS B 375 18.92 8.15 5.85
CA LYS B 375 20.25 8.74 5.77
C LYS B 375 20.43 9.52 4.45
N ILE B 376 19.99 8.92 3.32
CA ILE B 376 20.07 9.54 2.00
C ILE B 376 19.18 10.76 1.89
N THR B 377 17.97 10.70 2.47
CA THR B 377 17.05 11.85 2.43
C THR B 377 17.64 13.03 3.21
N THR B 378 18.24 12.76 4.37
CA THR B 378 18.86 13.77 5.23
C THR B 378 20.00 14.46 4.46
N GLU B 379 20.87 13.68 3.78
CA GLU B 379 21.96 14.27 2.98
C GLU B 379 21.41 15.12 1.87
N SER B 380 20.34 14.66 1.24
CA SER B 380 19.67 15.36 0.16
C SER B 380 19.11 16.70 0.66
N ILE B 381 18.52 16.75 1.86
CA ILE B 381 17.99 17.98 2.47
C ILE B 381 19.13 19.00 2.74
N VAL B 382 20.27 18.51 3.24
CA VAL B 382 21.43 19.34 3.54
C VAL B 382 22.03 19.96 2.26
N ILE B 383 22.29 19.12 1.25
CA ILE B 383 22.86 19.53 -0.03
C ILE B 383 21.91 20.37 -0.88
N TRP B 384 20.69 19.88 -1.16
CA TRP B 384 19.77 20.62 -2.05
C TRP B 384 18.51 21.21 -1.44
N GLY B 385 18.20 20.90 -0.21
CA GLY B 385 16.99 21.41 0.44
C GLY B 385 15.73 20.73 -0.03
N LYS B 386 15.85 19.49 -0.51
CA LYS B 386 14.71 18.71 -0.97
C LYS B 386 14.98 17.22 -0.90
N THR B 387 13.92 16.45 -0.80
CA THR B 387 14.01 15.00 -0.71
C THR B 387 13.98 14.35 -2.10
N PRO B 388 14.72 13.26 -2.30
CA PRO B 388 14.67 12.58 -3.61
C PRO B 388 13.48 11.60 -3.69
N LYS B 389 13.17 11.11 -4.90
CA LYS B 389 12.12 10.11 -5.08
C LYS B 389 12.91 8.81 -5.15
N PHE B 390 12.61 7.88 -4.24
CA PHE B 390 13.37 6.64 -4.18
C PHE B 390 12.87 5.53 -5.09
N LYS B 391 13.83 4.73 -5.58
CA LYS B 391 13.62 3.54 -6.38
C LYS B 391 14.11 2.43 -5.44
N LEU B 392 13.18 1.81 -4.71
CA LEU B 392 13.48 0.79 -3.71
C LEU B 392 13.53 -0.65 -4.23
N PRO B 393 14.65 -1.35 -3.98
CA PRO B 393 14.77 -2.73 -4.45
C PRO B 393 14.06 -3.70 -3.51
N ILE B 394 12.73 -3.63 -3.44
CA ILE B 394 11.90 -4.45 -2.60
C ILE B 394 10.49 -4.62 -3.22
N GLN B 395 9.68 -5.57 -2.68
CA GLN B 395 8.32 -5.86 -3.11
C GLN B 395 7.48 -4.80 -2.45
N LYS B 396 6.62 -4.13 -3.23
CA LYS B 396 5.73 -3.08 -2.76
C LYS B 396 5.01 -3.41 -1.45
N GLU B 397 4.39 -4.59 -1.36
CA GLU B 397 3.65 -5.03 -0.18
C GLU B 397 4.51 -5.24 1.05
N THR B 398 5.73 -5.82 0.89
CA THR B 398 6.65 -6.03 2.02
C THR B 398 7.02 -4.68 2.62
N TRP B 399 7.40 -3.71 1.76
CA TRP B 399 7.76 -2.36 2.20
C TRP B 399 6.58 -1.70 2.84
N GLU B 400 5.41 -1.71 2.18
CA GLU B 400 4.19 -1.08 2.71
C GLU B 400 3.77 -1.60 4.09
N THR B 401 4.02 -2.89 4.35
CA THR B 401 3.66 -3.47 5.65
C THR B 401 4.63 -3.13 6.79
N TRP B 402 5.93 -3.16 6.51
CA TRP B 402 6.92 -2.98 7.55
C TRP B 402 7.68 -1.66 7.68
N TRP B 403 7.77 -0.81 6.63
CA TRP B 403 8.58 0.43 6.72
C TRP B 403 8.32 1.28 7.97
N THR B 404 7.06 1.32 8.44
CA THR B 404 6.62 2.11 9.60
C THR B 404 7.19 1.66 10.92
N GLU B 405 7.56 0.38 11.03
CA GLU B 405 8.13 -0.20 12.25
C GLU B 405 9.49 0.32 12.60
N TYR B 406 10.21 0.89 11.63
CA TYR B 406 11.57 1.36 11.85
C TYR B 406 11.76 2.85 11.57
N TRP B 407 10.77 3.50 10.93
CA TRP B 407 10.83 4.92 10.60
C TRP B 407 10.94 5.80 11.83
N GLN B 408 11.84 6.77 11.79
CA GLN B 408 12.05 7.70 12.88
C GLN B 408 12.01 9.17 12.46
N ALA B 409 12.07 9.46 11.17
CA ALA B 409 12.01 10.82 10.67
C ALA B 409 10.57 11.34 10.68
N THR B 410 10.41 12.68 10.73
CA THR B 410 9.08 13.27 10.73
C THR B 410 8.57 13.62 9.34
N TRP B 411 9.38 13.39 8.31
CA TRP B 411 9.03 13.57 6.90
C TRP B 411 8.99 12.17 6.25
N ILE B 412 8.42 12.09 5.06
CA ILE B 412 8.34 10.85 4.31
C ILE B 412 8.62 11.22 2.86
N PRO B 413 9.62 10.61 2.23
CA PRO B 413 9.87 10.92 0.83
C PRO B 413 8.96 10.10 -0.10
N GLU B 414 8.92 10.49 -1.39
CA GLU B 414 8.18 9.73 -2.38
C GLU B 414 9.01 8.49 -2.73
N TRP B 415 8.36 7.38 -3.04
CA TRP B 415 9.06 6.15 -3.42
C TRP B 415 8.27 5.35 -4.43
N GLU B 416 8.97 4.56 -5.21
CA GLU B 416 8.45 3.61 -6.19
C GLU B 416 9.31 2.34 -6.06
N PHE B 417 8.84 1.23 -6.63
CA PHE B 417 9.51 -0.06 -6.48
C PHE B 417 10.15 -0.54 -7.73
N VAL B 418 11.41 -0.97 -7.63
CA VAL B 418 12.15 -1.39 -8.80
C VAL B 418 12.73 -2.80 -8.69
N ASN B 419 13.06 -3.38 -9.85
CA ASN B 419 13.63 -4.72 -9.98
C ASN B 419 15.11 -4.62 -10.41
N THR B 420 15.98 -3.99 -9.54
CA THR B 420 17.43 -3.72 -9.71
C THR B 420 18.04 -4.45 -10.92
N PRO B 421 18.44 -3.67 -11.94
CA PRO B 421 18.97 -4.28 -13.15
C PRO B 421 20.24 -5.05 -12.89
N PRO B 422 20.41 -6.19 -13.59
CA PRO B 422 21.65 -6.95 -13.43
C PRO B 422 22.82 -6.09 -13.88
N LEU B 423 23.93 -6.21 -13.18
CA LEU B 423 25.14 -5.46 -13.53
C LEU B 423 25.07 -3.99 -13.06
N VAL B 424 23.88 -3.43 -12.76
CA VAL B 424 23.82 -2.08 -12.18
C VAL B 424 24.44 -2.17 -10.75
N LYS B 425 24.15 -3.28 -10.04
CA LYS B 425 24.69 -3.59 -8.71
C LYS B 425 26.21 -3.85 -8.86
N LEU B 426 26.59 -4.61 -9.91
CA LEU B 426 27.96 -4.99 -10.25
C LEU B 426 28.88 -3.78 -10.52
N TRP B 427 28.35 -2.76 -11.21
CA TRP B 427 29.12 -1.57 -11.53
C TRP B 427 29.37 -0.68 -10.32
N TYR B 428 28.42 -0.66 -9.37
CA TYR B 428 28.56 0.16 -8.16
C TYR B 428 29.06 -0.62 -6.93
N GLN B 429 29.40 -1.91 -7.11
CA GLN B 429 29.88 -2.83 -6.08
C GLN B 429 31.18 -2.37 -5.43
O2 9PJ C . -24.48 -16.07 20.85
C21 9PJ C . -23.46 -15.83 20.22
N3 9PJ C . -22.29 -15.45 20.85
C1 9PJ C . -21.15 -15.02 20.22
C 9PJ C . -19.99 -14.84 21.16
C20 9PJ C . -23.36 -15.79 18.78
F6 9PJ C . -24.37 -16.36 18.08
C19 9PJ C . -22.28 -15.33 18.13
C2 9PJ C . -21.13 -14.89 18.87
C3 9PJ C . -20.02 -14.19 18.15
N 9PJ C . -20.10 -12.73 18.26
C16 9PJ C . -21.09 -12.09 17.54
O1 9PJ C . -21.83 -12.72 16.80
C6 9PJ C . -21.09 -10.66 17.69
C5 9PJ C . -20.13 -10.07 18.47
C17 9PJ C . -20.04 -8.55 18.58
F3 9PJ C . -18.76 -8.16 18.77
C18 9PJ C . -20.89 -7.94 19.76
F5 9PJ C . -22.15 -8.44 19.68
F4 9PJ C . -20.37 -8.37 20.93
F2 9PJ C . -20.45 -7.95 17.42
N1 9PJ C . -19.16 -10.76 19.17
C4 9PJ C . -19.20 -12.06 19.02
O 9PJ C . -22.06 -9.88 17.10
C7 9PJ C . -22.28 -9.95 15.71
C13 9PJ C . -23.54 -10.35 15.24
C14 9PJ C . -24.62 -10.83 16.18
C11 9PJ C . -23.77 -10.32 13.85
C12 9PJ C . -25.05 -10.71 13.32
N2 9PJ C . -26.04 -11.02 12.85
C10 9PJ C . -22.75 -9.93 13.01
C9 9PJ C . -21.50 -9.56 13.48
C8 9PJ C . -21.27 -9.57 14.85
C15 9PJ C . -20.43 -9.14 12.52
F 9PJ C . -19.32 -9.92 12.65
F1 9PJ C . -19.96 -7.93 12.86
#